data_5M5T
#
_entry.id   5M5T
#
_cell.length_a   137.810
_cell.length_b   130.970
_cell.length_c   79.120
_cell.angle_alpha   90.00
_cell.angle_beta   116.17
_cell.angle_gamma   90.00
#
_symmetry.space_group_name_H-M   'C 1 2 1'
#
loop_
_entity.id
_entity.type
_entity.pdbx_description
1 polymer 'Clathrin heavy chain 1'
2 polymer Amphiphysin
3 non-polymer GLYCEROL
4 water water
#
loop_
_entity_poly.entity_id
_entity_poly.type
_entity_poly.pdbx_seq_one_letter_code
_entity_poly.pdbx_strand_id
1 'polypeptide(L)'
;GSMAQILPIRFQEHLQLQNLGINPANIGFSTLTMESDKFICIREKVGEQAQVVIIDMNDPSNPIRRPISADSAIMNPASK
VIALKAGKTLQIFNIEMKSKMKAHTMTDDVTFWKWISLNTVALVTDNAVYHWSMEGESQPVKMFDRHSSLAGCQIINYRT
DAKQKWLLLTGISAQQNRVVGAMQLYSVDRKVSQPIEGHAASFAQFKMEGNAEESTLFCFAVRGQAGGKLHIIEVGTPPT
GNQPFPKKAVDVFFPPEAQNDFPVAMQISEKHDVVFLITKYGYIHLYDLETGTCIYMNRISGETIFVTAPHEATAGIIGV
NRKGQVLSVCVEEENIIPYITNVLQNPDLALRMAVRNNLAGAEEL
;
A,B
2 'polypeptide(L)' ETLLDLDFLE E,F,G,H,I,J
#
# COMPACT_ATOMS: atom_id res chain seq x y z
N ILE A 6 9.36 -21.51 0.29
CA ILE A 6 10.06 -20.31 0.79
C ILE A 6 9.05 -19.54 1.65
N LEU A 7 9.56 -18.91 2.69
CA LEU A 7 8.75 -18.15 3.62
C LEU A 7 9.26 -16.71 3.64
N PRO A 8 8.36 -15.74 3.87
CA PRO A 8 8.73 -14.34 3.79
C PRO A 8 9.36 -13.84 5.06
N ILE A 9 9.35 -14.65 6.11
CA ILE A 9 10.01 -14.28 7.38
C ILE A 9 10.93 -15.40 7.84
N ARG A 10 11.87 -15.02 8.69
CA ARG A 10 12.95 -15.87 9.24
C ARG A 10 12.75 -15.80 10.77
N PHE A 11 12.93 -16.92 11.44
CA PHE A 11 12.63 -17.08 12.85
C PHE A 11 13.93 -17.62 13.48
N GLN A 12 14.43 -16.96 14.54
N GLN A 12 14.48 -16.95 14.51
CA GLN A 12 15.77 -17.25 15.11
CA GLN A 12 15.73 -17.43 15.13
C GLN A 12 15.66 -17.35 16.66
C GLN A 12 15.68 -17.36 16.65
N GLU A 13 16.35 -18.31 17.29
CA GLU A 13 16.54 -18.32 18.77
C GLU A 13 17.91 -17.71 19.10
N HIS A 14 17.91 -16.78 20.03
CA HIS A 14 19.13 -16.11 20.48
C HIS A 14 19.67 -16.70 21.75
N LEU A 15 18.78 -17.14 22.63
CA LEU A 15 19.15 -17.57 23.97
C LEU A 15 18.05 -18.41 24.59
N GLN A 16 18.43 -19.31 25.51
CA GLN A 16 17.48 -19.89 26.49
C GLN A 16 17.91 -19.43 27.86
N LEU A 17 17.08 -18.63 28.51
CA LEU A 17 17.49 -18.03 29.77
C LEU A 17 17.73 -19.07 30.87
N GLN A 18 17.05 -20.21 30.78
CA GLN A 18 17.21 -21.20 31.81
C GLN A 18 18.62 -21.80 31.78
N ASN A 19 19.30 -21.72 30.64
CA ASN A 19 20.72 -22.09 30.54
C ASN A 19 21.67 -21.16 31.24
N LEU A 20 21.24 -19.95 31.53
CA LEU A 20 21.97 -19.02 32.38
C LEU A 20 21.58 -19.09 33.87
N GLY A 21 20.84 -20.12 34.29
CA GLY A 21 20.47 -20.28 35.71
C GLY A 21 19.33 -19.39 36.14
N ILE A 22 18.56 -18.88 35.18
CA ILE A 22 17.40 -18.08 35.55
C ILE A 22 16.26 -18.99 36.00
N ASN A 23 15.71 -18.68 37.17
CA ASN A 23 14.53 -19.35 37.71
C ASN A 23 13.32 -19.01 36.83
N PRO A 24 12.65 -20.02 36.28
CA PRO A 24 11.47 -19.75 35.47
C PRO A 24 10.35 -18.94 36.17
N ALA A 25 10.30 -18.92 37.50
CA ALA A 25 9.31 -18.10 38.22
C ALA A 25 9.55 -16.62 38.01
N ASN A 26 10.78 -16.24 37.64
CA ASN A 26 11.12 -14.82 37.35
C ASN A 26 11.11 -14.43 35.88
N ILE A 27 10.67 -15.36 35.03
CA ILE A 27 10.58 -15.09 33.66
C ILE A 27 9.13 -14.67 33.36
N GLY A 28 8.87 -13.39 33.49
CA GLY A 28 7.50 -12.86 33.41
C GLY A 28 7.46 -11.36 33.38
N PHE A 29 6.30 -10.81 33.00
CA PHE A 29 6.13 -9.38 32.80
C PHE A 29 6.61 -8.52 33.95
N SER A 30 6.36 -8.93 35.19
CA SER A 30 6.72 -8.06 36.32
C SER A 30 8.20 -8.08 36.72
N THR A 31 8.93 -9.11 36.32
CA THR A 31 10.29 -9.27 36.80
C THR A 31 11.35 -9.24 35.70
N LEU A 32 10.95 -9.38 34.45
CA LEU A 32 11.90 -9.45 33.33
C LEU A 32 11.63 -8.33 32.38
N THR A 33 12.63 -7.46 32.14
CA THR A 33 12.46 -6.33 31.26
C THR A 33 13.46 -6.37 30.10
N MET A 34 13.01 -5.91 28.95
CA MET A 34 13.83 -5.91 27.74
C MET A 34 13.45 -4.67 26.98
N GLU A 35 14.10 -3.57 27.31
CA GLU A 35 13.75 -2.26 26.78
C GLU A 35 14.32 -2.01 25.36
N SER A 36 15.27 -2.83 24.95
CA SER A 36 15.83 -2.85 23.64
C SER A 36 16.45 -4.21 23.48
N ASP A 37 16.99 -4.47 22.30
CA ASP A 37 17.64 -5.73 22.04
C ASP A 37 19.05 -5.89 22.64
N LYS A 38 19.55 -4.86 23.35
CA LYS A 38 20.86 -4.89 23.91
C LYS A 38 21.01 -5.54 25.27
N PHE A 39 19.96 -5.52 26.08
CA PHE A 39 20.05 -6.03 27.46
C PHE A 39 18.74 -6.66 27.89
N ILE A 40 18.85 -7.63 28.76
CA ILE A 40 17.69 -8.17 29.47
C ILE A 40 17.98 -8.04 30.94
N CYS A 41 17.06 -7.51 31.73
CA CYS A 41 17.23 -7.42 33.20
C CYS A 41 16.18 -8.31 33.87
N ILE A 42 16.59 -9.08 34.87
CA ILE A 42 15.69 -9.99 35.60
C ILE A 42 15.86 -9.76 37.08
N ARG A 43 14.77 -9.48 37.76
CA ARG A 43 14.80 -9.34 39.20
C ARG A 43 14.55 -10.73 39.84
N GLU A 44 15.47 -11.14 40.71
CA GLU A 44 15.43 -12.48 41.33
C GLU A 44 15.70 -12.33 42.81
N LYS A 45 15.26 -13.29 43.60
CA LYS A 45 15.64 -13.36 45.02
C LYS A 45 16.42 -14.63 45.19
N VAL A 46 17.65 -14.51 45.68
CA VAL A 46 18.53 -15.66 45.92
C VAL A 46 18.84 -15.68 47.41
N GLY A 47 18.23 -16.64 48.10
CA GLY A 47 18.29 -16.71 49.55
C GLY A 47 17.49 -15.54 50.06
N GLU A 48 18.13 -14.73 50.89
CA GLU A 48 17.51 -13.52 51.49
C GLU A 48 17.59 -12.29 50.55
N GLN A 49 18.55 -12.28 49.62
CA GLN A 49 18.91 -11.04 48.93
C GLN A 49 18.19 -10.91 47.58
N ALA A 50 17.48 -9.80 47.40
CA ALA A 50 16.98 -9.43 46.08
C ALA A 50 18.17 -9.00 45.18
N GLN A 51 18.16 -9.43 43.94
CA GLN A 51 19.19 -9.01 42.98
C GLN A 51 18.60 -8.70 41.63
N VAL A 52 19.38 -8.04 40.79
CA VAL A 52 19.09 -7.89 39.40
C VAL A 52 20.14 -8.63 38.65
N VAL A 53 19.73 -9.42 37.67
CA VAL A 53 20.63 -10.09 36.76
C VAL A 53 20.58 -9.31 35.46
N ILE A 54 21.74 -8.88 34.96
CA ILE A 54 21.82 -8.08 33.77
C ILE A 54 22.51 -8.89 32.69
N ILE A 55 21.78 -9.19 31.64
CA ILE A 55 22.31 -9.95 30.54
C ILE A 55 22.61 -8.98 29.41
N ASP A 56 23.88 -8.89 29.09
CA ASP A 56 24.35 -8.15 27.92
C ASP A 56 24.21 -9.07 26.73
N MET A 57 23.38 -8.69 25.77
CA MET A 57 23.08 -9.55 24.63
C MET A 57 24.28 -9.70 23.71
N ASN A 58 25.23 -8.78 23.80
CA ASN A 58 26.52 -8.97 23.10
C ASN A 58 27.52 -9.88 23.84
N ASP A 59 27.26 -10.20 25.12
CA ASP A 59 28.10 -11.10 25.95
C ASP A 59 27.26 -11.99 26.89
N PRO A 60 26.37 -12.81 26.34
CA PRO A 60 25.27 -13.35 27.14
C PRO A 60 25.65 -14.45 28.13
N SER A 61 26.79 -15.10 27.94
CA SER A 61 27.15 -16.17 28.87
C SER A 61 27.80 -15.64 30.12
N ASN A 62 28.01 -14.32 30.20
CA ASN A 62 28.58 -13.67 31.39
C ASN A 62 27.66 -12.59 31.98
N PRO A 63 26.48 -13.01 32.48
CA PRO A 63 25.58 -12.01 33.13
C PRO A 63 26.18 -11.52 34.41
N ILE A 64 25.85 -10.28 34.79
CA ILE A 64 26.23 -9.78 36.09
C ILE A 64 25.03 -9.74 37.02
N ARG A 65 25.31 -10.01 38.29
CA ARG A 65 24.30 -10.02 39.34
CA ARG A 65 24.30 -10.01 39.32
C ARG A 65 24.70 -8.99 40.37
N ARG A 66 23.76 -8.12 40.74
CA ARG A 66 23.99 -7.09 41.73
C ARG A 66 22.82 -7.06 42.69
N PRO A 67 23.10 -6.84 43.98
CA PRO A 67 22.03 -6.65 44.94
C PRO A 67 21.21 -5.40 44.63
N ILE A 68 19.91 -5.48 44.84
CA ILE A 68 18.99 -4.34 44.66
C ILE A 68 18.01 -4.31 45.83
N SER A 69 17.37 -3.16 45.99
CA SER A 69 16.21 -3.03 46.86
C SER A 69 15.12 -2.29 46.12
N ALA A 70 14.74 -2.81 44.97
CA ALA A 70 13.86 -2.09 44.02
C ALA A 70 12.78 -3.03 43.62
N ASP A 71 11.64 -2.45 43.28
CA ASP A 71 10.50 -3.21 42.80
C ASP A 71 10.45 -3.30 41.29
N SER A 72 11.35 -2.63 40.56
CA SER A 72 11.36 -2.64 39.09
C SER A 72 12.71 -2.09 38.62
N ALA A 73 13.24 -2.65 37.54
CA ALA A 73 14.51 -2.23 36.95
C ALA A 73 14.36 -2.22 35.44
N ILE A 74 14.67 -1.09 34.82
CA ILE A 74 14.66 -0.98 33.35
C ILE A 74 15.94 -0.34 32.83
N MET A 75 16.63 -1.09 31.98
CA MET A 75 17.88 -0.61 31.36
C MET A 75 17.56 0.36 30.24
N ASN A 76 18.37 1.39 30.14
CA ASN A 76 18.36 2.28 28.98
C ASN A 76 18.48 1.46 27.67
N PRO A 77 17.88 1.94 26.59
CA PRO A 77 17.96 1.16 25.35
C PRO A 77 19.34 1.05 24.77
N ALA A 78 20.26 1.97 25.08
CA ALA A 78 21.55 2.00 24.38
C ALA A 78 22.79 1.88 25.24
N SER A 79 22.67 2.18 26.51
CA SER A 79 23.84 2.30 27.38
C SER A 79 23.54 1.52 28.69
N LYS A 80 24.59 1.17 29.43
N LYS A 80 24.59 1.18 29.43
CA LYS A 80 24.47 0.49 30.70
CA LYS A 80 24.47 0.50 30.71
C LYS A 80 24.15 1.51 31.78
C LYS A 80 24.15 1.51 31.78
N VAL A 81 22.99 2.13 31.62
CA VAL A 81 22.41 3.09 32.53
C VAL A 81 21.08 2.46 32.92
N ILE A 82 20.83 2.30 34.22
CA ILE A 82 19.69 1.53 34.68
C ILE A 82 18.82 2.41 35.59
N ALA A 83 17.52 2.39 35.33
CA ALA A 83 16.55 3.00 36.20
C ALA A 83 15.93 1.98 37.13
N LEU A 84 15.89 2.32 38.42
CA LEU A 84 15.26 1.48 39.41
C LEU A 84 14.32 2.29 40.26
N LYS A 85 13.28 1.65 40.74
CA LYS A 85 12.37 2.32 41.65
C LYS A 85 11.92 1.43 42.78
N ALA A 86 11.54 2.09 43.87
CA ALA A 86 10.95 1.44 45.04
C ALA A 86 9.87 2.38 45.55
N GLY A 87 8.63 2.08 45.20
CA GLY A 87 7.53 2.93 45.59
C GLY A 87 7.69 4.28 44.91
N LYS A 88 7.77 5.34 45.70
CA LYS A 88 7.92 6.68 45.13
C LYS A 88 9.37 7.05 44.81
N THR A 89 10.37 6.22 45.19
CA THR A 89 11.76 6.57 44.98
C THR A 89 12.25 6.07 43.64
N LEU A 90 12.72 6.96 42.80
CA LEU A 90 13.28 6.64 41.46
C LEU A 90 14.74 6.97 41.49
N GLN A 91 15.61 6.05 41.04
CA GLN A 91 17.04 6.33 40.93
C GLN A 91 17.59 5.82 39.63
N ILE A 92 18.55 6.57 39.09
CA ILE A 92 19.18 6.24 37.84
C ILE A 92 20.68 6.07 38.08
N PHE A 93 21.24 4.94 37.65
CA PHE A 93 22.65 4.63 37.85
C PHE A 93 23.39 4.44 36.52
N ASN A 94 24.60 4.97 36.44
CA ASN A 94 25.53 4.56 35.39
C ASN A 94 26.36 3.42 35.99
N ILE A 95 26.17 2.22 35.48
CA ILE A 95 26.75 1.00 36.07
C ILE A 95 28.25 1.02 35.98
N GLU A 96 28.79 1.35 34.82
CA GLU A 96 30.26 1.32 34.66
C GLU A 96 30.95 2.42 35.48
N MET A 97 30.29 3.57 35.67
CA MET A 97 30.82 4.62 36.57
C MET A 97 30.53 4.39 38.05
N LYS A 98 29.79 3.32 38.36
CA LYS A 98 29.37 3.00 39.72
C LYS A 98 28.75 4.21 40.40
N SER A 99 27.88 4.92 39.66
CA SER A 99 27.46 6.25 40.00
C SER A 99 25.94 6.40 40.03
N LYS A 100 25.44 7.03 41.10
CA LYS A 100 24.03 7.45 41.13
C LYS A 100 23.86 8.77 40.39
N MET A 101 23.37 8.70 39.15
N MET A 101 23.34 8.73 39.18
CA MET A 101 23.19 9.86 38.27
CA MET A 101 23.30 9.92 38.35
C MET A 101 22.15 10.83 38.84
C MET A 101 22.09 10.82 38.66
N LYS A 102 21.00 10.26 39.18
CA LYS A 102 19.76 11.03 39.39
C LYS A 102 18.96 10.30 40.45
N ALA A 103 18.23 11.08 41.23
CA ALA A 103 17.27 10.51 42.15
C ALA A 103 16.06 11.45 42.17
N HIS A 104 14.86 10.89 42.28
CA HIS A 104 13.69 11.74 42.33
C HIS A 104 12.67 11.05 43.19
N THR A 105 11.94 11.79 44.02
CA THR A 105 10.88 11.21 44.84
C THR A 105 9.55 11.70 44.31
N MET A 106 8.74 10.75 43.80
CA MET A 106 7.42 11.05 43.27
C MET A 106 6.46 11.29 44.42
N THR A 107 5.27 11.81 44.12
CA THR A 107 4.19 11.89 45.13
C THR A 107 3.10 10.86 44.88
N ASP A 108 3.32 9.96 43.92
CA ASP A 108 2.42 8.84 43.62
C ASP A 108 3.30 7.63 43.27
N ASP A 109 2.84 6.43 43.54
CA ASP A 109 3.54 5.24 43.05
C ASP A 109 3.48 5.15 41.54
N VAL A 110 4.54 4.60 40.97
CA VAL A 110 4.63 4.42 39.52
C VAL A 110 4.21 2.99 39.16
N THR A 111 3.11 2.84 38.46
CA THR A 111 2.58 1.51 38.21
C THR A 111 3.17 0.90 36.94
N PHE A 112 3.72 1.74 36.06
CA PHE A 112 4.35 1.26 34.83
C PHE A 112 5.34 2.32 34.39
N TRP A 113 6.50 1.91 33.89
CA TRP A 113 7.45 2.83 33.30
C TRP A 113 8.25 2.15 32.23
N LYS A 114 8.85 2.95 31.36
CA LYS A 114 9.53 2.44 30.18
C LYS A 114 10.42 3.55 29.62
N TRP A 115 11.56 3.21 29.02
CA TRP A 115 12.29 4.16 28.22
C TRP A 115 11.60 4.36 26.90
N ILE A 116 11.27 5.61 26.55
CA ILE A 116 10.61 5.89 25.27
C ILE A 116 11.56 6.47 24.23
N SER A 117 12.81 6.69 24.62
CA SER A 117 13.84 7.16 23.76
C SER A 117 15.19 6.87 24.41
N LEU A 118 16.25 7.29 23.76
CA LEU A 118 17.58 7.11 24.37
C LEU A 118 17.76 7.90 25.67
N ASN A 119 16.97 8.93 25.89
CA ASN A 119 17.22 9.78 27.04
C ASN A 119 16.03 10.16 27.87
N THR A 120 14.86 9.55 27.60
CA THR A 120 13.65 9.90 28.34
C THR A 120 12.95 8.64 28.84
N VAL A 121 12.57 8.68 30.11
CA VAL A 121 11.78 7.65 30.77
C VAL A 121 10.36 8.18 30.91
N ALA A 122 9.40 7.36 30.55
CA ALA A 122 7.98 7.65 30.79
C ALA A 122 7.50 6.98 32.05
N LEU A 123 6.73 7.73 32.86
CA LEU A 123 6.25 7.26 34.16
C LEU A 123 4.74 7.31 34.17
N VAL A 124 4.07 6.17 34.47
CA VAL A 124 2.65 6.10 34.56
C VAL A 124 2.27 5.86 36.02
N THR A 125 1.51 6.78 36.58
CA THR A 125 0.88 6.60 37.89
C THR A 125 -0.58 6.18 37.73
N ASP A 126 -1.29 6.01 38.84
CA ASP A 126 -2.72 5.72 38.73
C ASP A 126 -3.47 6.83 37.99
N ASN A 127 -2.96 8.07 38.03
CA ASN A 127 -3.68 9.25 37.60
C ASN A 127 -3.17 9.97 36.38
N ALA A 128 -1.90 9.78 36.03
CA ALA A 128 -1.28 10.59 34.98
C ALA A 128 -0.06 9.92 34.36
N VAL A 129 0.43 10.52 33.29
CA VAL A 129 1.63 10.12 32.61
C VAL A 129 2.63 11.29 32.56
N TYR A 130 3.87 10.99 32.90
CA TYR A 130 4.97 11.94 32.94
C TYR A 130 6.10 11.48 32.04
N HIS A 131 6.88 12.47 31.57
CA HIS A 131 8.15 12.18 30.90
C HIS A 131 9.27 12.77 31.74
N TRP A 132 10.41 12.05 31.81
CA TRP A 132 11.54 12.51 32.62
C TRP A 132 12.77 12.37 31.72
N SER A 133 13.32 13.52 31.34
CA SER A 133 14.52 13.59 30.54
C SER A 133 15.75 13.39 31.43
N MET A 134 16.72 12.71 30.90
CA MET A 134 18.00 12.51 31.58
C MET A 134 18.99 13.65 31.33
N GLU A 135 18.64 14.57 30.46
CA GLU A 135 19.52 15.70 30.16
C GLU A 135 19.49 16.76 31.21
N GLY A 136 20.68 17.24 31.59
CA GLY A 136 20.83 18.32 32.53
C GLY A 136 20.24 18.05 33.90
N GLU A 137 19.49 19.01 34.43
CA GLU A 137 18.84 18.86 35.73
C GLU A 137 17.30 18.72 35.61
N SER A 138 16.84 18.00 34.63
CA SER A 138 15.40 17.87 34.35
C SER A 138 14.69 17.08 35.45
N GLN A 139 13.44 17.45 35.82
CA GLN A 139 12.59 16.64 36.69
C GLN A 139 11.38 16.16 35.84
N PRO A 140 10.59 15.22 36.35
CA PRO A 140 9.46 14.75 35.56
C PRO A 140 8.50 15.87 35.25
N VAL A 141 7.97 15.83 34.02
CA VAL A 141 6.97 16.80 33.56
C VAL A 141 5.71 15.99 33.22
N LYS A 142 4.57 16.47 33.70
CA LYS A 142 3.33 15.81 33.36
C LYS A 142 2.98 16.01 31.88
N MET A 143 2.63 14.92 31.19
CA MET A 143 2.18 14.97 29.81
C MET A 143 0.68 15.04 29.70
N PHE A 144 -0.04 14.20 30.45
CA PHE A 144 -1.47 14.21 30.44
C PHE A 144 -2.03 13.49 31.64
N ASP A 145 -3.30 13.79 31.94
CA ASP A 145 -4.03 13.00 32.95
C ASP A 145 -4.68 11.80 32.28
N ARG A 146 -4.67 10.68 32.99
CA ARG A 146 -5.29 9.48 32.51
C ARG A 146 -6.78 9.64 32.33
N HIS A 147 -7.27 9.00 31.28
CA HIS A 147 -8.69 8.98 30.95
C HIS A 147 -9.40 7.90 31.81
N SER A 148 -10.64 8.19 32.20
CA SER A 148 -11.38 7.27 33.10
C SER A 148 -11.60 5.88 32.50
N SER A 149 -11.61 5.79 31.17
CA SER A 149 -11.72 4.49 30.50
C SER A 149 -10.59 3.50 30.82
N LEU A 150 -9.43 3.97 31.27
CA LEU A 150 -8.35 3.08 31.74
C LEU A 150 -8.32 2.79 33.25
N ALA A 151 -9.34 3.27 33.97
CA ALA A 151 -9.37 3.12 35.42
C ALA A 151 -9.44 1.64 35.75
N GLY A 152 -8.59 1.20 36.65
CA GLY A 152 -8.61 -0.22 37.03
C GLY A 152 -7.95 -1.17 36.02
N CYS A 153 -7.42 -0.67 34.92
CA CYS A 153 -6.75 -1.54 33.97
C CYS A 153 -5.34 -1.86 34.45
N GLN A 154 -4.83 -3.00 34.01
CA GLN A 154 -3.44 -3.29 34.05
C GLN A 154 -2.76 -2.58 32.92
N ILE A 155 -1.85 -1.67 33.23
CA ILE A 155 -1.13 -0.92 32.20
C ILE A 155 -0.07 -1.82 31.60
N ILE A 156 -0.11 -1.99 30.28
CA ILE A 156 0.80 -2.89 29.59
C ILE A 156 1.74 -2.27 28.61
N ASN A 157 1.50 -1.05 28.19
CA ASN A 157 2.37 -0.39 27.27
C ASN A 157 2.15 1.11 27.23
N TYR A 158 3.17 1.79 26.77
CA TYR A 158 3.16 3.22 26.54
C TYR A 158 4.12 3.47 25.39
N ARG A 159 3.66 4.18 24.36
CA ARG A 159 4.56 4.59 23.31
C ARG A 159 4.20 5.89 22.68
N THR A 160 5.14 6.41 21.92
CA THR A 160 4.97 7.72 21.28
C THR A 160 5.41 7.70 19.84
N ASP A 161 5.04 8.74 19.10
CA ASP A 161 5.66 8.97 17.81
C ASP A 161 7.08 9.49 17.99
N ALA A 162 7.80 9.54 16.87
CA ALA A 162 9.19 9.96 16.93
C ALA A 162 9.37 11.35 17.52
N LYS A 163 8.46 12.28 17.23
CA LYS A 163 8.59 13.66 17.78
C LYS A 163 7.94 13.89 19.15
N GLN A 164 7.45 12.82 19.77
CA GLN A 164 6.81 12.87 21.09
C GLN A 164 5.64 13.90 21.16
N LYS A 165 4.87 13.93 20.10
CA LYS A 165 3.69 14.78 20.01
C LYS A 165 2.39 13.99 20.05
N TRP A 166 2.48 12.68 19.86
CA TRP A 166 1.33 11.78 19.86
C TRP A 166 1.70 10.67 20.84
N LEU A 167 0.91 10.52 21.89
CA LEU A 167 1.25 9.65 23.00
C LEU A 167 0.17 8.64 23.19
N LEU A 168 0.52 7.39 23.51
CA LEU A 168 -0.47 6.29 23.55
C LEU A 168 -0.24 5.39 24.76
N LEU A 169 -1.22 5.37 25.68
CA LEU A 169 -1.20 4.53 26.86
C LEU A 169 -2.18 3.39 26.63
N THR A 170 -1.76 2.16 26.97
CA THR A 170 -2.62 0.95 26.78
C THR A 170 -2.72 0.15 28.08
N GLY A 171 -3.97 -0.13 28.46
CA GLY A 171 -4.25 -1.04 29.52
C GLY A 171 -5.20 -2.15 29.12
N ILE A 172 -5.26 -3.19 29.94
CA ILE A 172 -6.21 -4.28 29.72
C ILE A 172 -6.97 -4.61 30.98
N SER A 173 -8.14 -5.23 30.82
CA SER A 173 -8.93 -5.72 31.95
C SER A 173 -9.84 -6.83 31.46
N ALA A 174 -10.47 -7.54 32.40
CA ALA A 174 -11.47 -8.55 32.05
C ALA A 174 -12.87 -7.93 31.99
N GLN A 175 -13.56 -8.07 30.86
CA GLN A 175 -14.94 -7.58 30.73
C GLN A 175 -15.69 -8.59 29.93
N GLN A 176 -16.82 -9.04 30.46
CA GLN A 176 -17.65 -10.07 29.78
C GLN A 176 -16.82 -11.28 29.41
N ASN A 177 -15.97 -11.70 30.34
CA ASN A 177 -15.09 -12.84 30.14
C ASN A 177 -14.17 -12.80 28.91
N ARG A 178 -13.67 -11.64 28.56
CA ARG A 178 -12.57 -11.57 27.63
C ARG A 178 -11.63 -10.47 28.08
N VAL A 179 -10.43 -10.52 27.55
CA VAL A 179 -9.44 -9.46 27.85
C VAL A 179 -9.69 -8.32 26.89
N VAL A 180 -10.13 -7.19 27.43
CA VAL A 180 -10.46 -6.03 26.64
C VAL A 180 -9.36 -4.99 26.77
N GLY A 181 -8.93 -4.46 25.62
CA GLY A 181 -7.94 -3.39 25.59
C GLY A 181 -8.55 -2.01 25.62
N ALA A 182 -7.96 -1.13 26.45
CA ALA A 182 -8.35 0.26 26.49
C ALA A 182 -7.14 1.13 26.25
N MET A 183 -7.19 1.95 25.20
N MET A 183 -7.19 1.93 25.19
CA MET A 183 -6.10 2.86 24.88
CA MET A 183 -6.11 2.87 24.85
C MET A 183 -6.52 4.31 25.05
C MET A 183 -6.53 4.31 25.07
N GLN A 184 -5.54 5.14 25.38
CA GLN A 184 -5.72 6.59 25.46
C GLN A 184 -4.68 7.20 24.54
N LEU A 185 -5.16 7.83 23.46
CA LEU A 185 -4.34 8.57 22.51
C LEU A 185 -4.39 10.02 22.92
N TYR A 186 -3.23 10.65 23.09
CA TYR A 186 -3.20 12.04 23.49
C TYR A 186 -2.37 12.83 22.50
N SER A 187 -2.92 13.98 22.08
CA SER A 187 -2.22 14.97 21.26
C SER A 187 -1.61 16.03 22.15
N VAL A 188 -0.28 16.12 22.14
CA VAL A 188 0.45 17.14 22.92
C VAL A 188 0.05 18.55 22.43
N ASP A 189 -0.06 18.73 21.13
CA ASP A 189 -0.33 20.07 20.56
C ASP A 189 -1.76 20.50 20.77
N ARG A 190 -2.71 19.58 20.65
N ARG A 190 -2.71 19.57 20.64
CA ARG A 190 -4.13 19.90 20.84
CA ARG A 190 -4.12 19.91 20.81
C ARG A 190 -4.58 19.84 22.28
C ARG A 190 -4.60 19.80 22.26
N LYS A 191 -3.84 19.12 23.12
CA LYS A 191 -4.22 18.88 24.51
C LYS A 191 -5.55 18.19 24.63
N VAL A 192 -5.74 17.18 23.79
CA VAL A 192 -6.95 16.41 23.71
C VAL A 192 -6.59 14.93 23.77
N SER A 193 -7.38 14.15 24.51
CA SER A 193 -7.34 12.70 24.51
C SER A 193 -8.49 12.06 23.79
N GLN A 194 -8.24 10.88 23.25
CA GLN A 194 -9.30 10.06 22.66
C GLN A 194 -9.20 8.64 23.18
N PRO A 195 -10.30 8.10 23.75
CA PRO A 195 -10.30 6.70 24.17
C PRO A 195 -10.58 5.82 22.97
N ILE A 196 -9.84 4.73 22.84
CA ILE A 196 -9.94 3.83 21.71
C ILE A 196 -9.81 2.40 22.22
N GLU A 197 -10.71 1.51 21.79
CA GLU A 197 -10.54 0.07 22.13
C GLU A 197 -9.42 -0.47 21.28
N GLY A 198 -8.39 -0.99 21.91
CA GLY A 198 -7.22 -1.49 21.20
C GLY A 198 -6.35 -2.33 22.10
N HIS A 199 -5.65 -3.28 21.51
CA HIS A 199 -4.77 -4.23 22.23
C HIS A 199 -3.28 -4.02 22.07
N ALA A 200 -2.85 -3.61 20.89
CA ALA A 200 -1.43 -3.36 20.63
C ALA A 200 -1.32 -2.34 19.53
N ALA A 201 -0.26 -1.56 19.57
CA ALA A 201 -0.16 -0.40 18.67
C ALA A 201 1.26 0.05 18.52
N SER A 202 1.49 0.86 17.48
CA SER A 202 2.78 1.52 17.28
C SER A 202 2.57 2.72 16.38
N PHE A 203 3.45 3.70 16.49
CA PHE A 203 3.51 4.72 15.52
C PHE A 203 4.57 4.38 14.47
N ALA A 204 4.55 5.07 13.34
CA ALA A 204 5.58 4.87 12.30
C ALA A 204 5.67 6.13 11.44
N GLN A 205 6.86 6.38 10.89
CA GLN A 205 7.04 7.41 9.86
C GLN A 205 7.01 6.72 8.50
N PHE A 206 6.29 7.30 7.57
CA PHE A 206 6.13 6.69 6.25
C PHE A 206 6.01 7.80 5.25
N LYS A 207 6.87 7.80 4.23
CA LYS A 207 6.78 8.83 3.19
C LYS A 207 6.08 8.29 1.95
N MET A 208 4.89 8.79 1.69
CA MET A 208 4.13 8.41 0.48
C MET A 208 4.85 8.88 -0.77
N GLU A 209 4.79 8.09 -1.85
CA GLU A 209 5.41 8.56 -3.08
C GLU A 209 4.71 9.83 -3.48
N GLY A 210 5.48 10.79 -3.96
CA GLY A 210 4.88 12.05 -4.37
C GLY A 210 4.67 13.06 -3.23
N ASN A 211 4.90 12.66 -1.98
CA ASN A 211 4.99 13.64 -0.87
C ASN A 211 6.43 14.01 -0.58
N ALA A 212 6.65 15.28 -0.23
CA ALA A 212 7.97 15.76 0.10
C ALA A 212 8.33 15.41 1.55
N GLU A 213 7.33 15.23 2.41
CA GLU A 213 7.58 14.95 3.84
C GLU A 213 6.96 13.63 4.27
N GLU A 214 7.56 13.04 5.29
CA GLU A 214 6.99 11.84 5.96
C GLU A 214 5.64 12.11 6.60
N SER A 215 4.78 11.10 6.57
CA SER A 215 3.53 11.09 7.31
C SER A 215 3.80 10.39 8.63
N THR A 216 3.13 10.82 9.70
CA THR A 216 3.15 10.08 10.96
C THR A 216 1.92 9.21 11.04
N LEU A 217 2.12 7.90 11.08
CA LEU A 217 1.01 6.97 11.10
C LEU A 217 0.84 6.35 12.49
N PHE A 218 -0.39 6.08 12.85
CA PHE A 218 -0.75 5.36 14.04
C PHE A 218 -1.36 4.05 13.57
N CYS A 219 -0.81 2.93 14.04
N CYS A 219 -0.82 2.94 14.06
CA CYS A 219 -1.31 1.58 13.69
CA CYS A 219 -1.33 1.62 13.74
C CYS A 219 -1.69 0.85 14.96
C CYS A 219 -1.74 0.97 15.02
N PHE A 220 -2.91 0.34 15.04
CA PHE A 220 -3.31 -0.47 16.18
C PHE A 220 -4.09 -1.67 15.73
N ALA A 221 -3.98 -2.71 16.54
CA ALA A 221 -4.72 -3.93 16.35
C ALA A 221 -5.61 -4.16 17.58
N VAL A 222 -6.80 -4.69 17.35
CA VAL A 222 -7.78 -4.93 18.39
C VAL A 222 -8.52 -6.22 18.06
N ARG A 223 -8.85 -6.99 19.07
CA ARG A 223 -9.91 -7.98 18.98
C ARG A 223 -11.08 -7.40 19.76
N GLY A 224 -12.07 -6.97 19.00
CA GLY A 224 -13.27 -6.41 19.56
C GLY A 224 -14.35 -7.49 19.59
N GLN A 225 -15.54 -7.08 19.99
CA GLN A 225 -16.66 -8.02 20.11
C GLN A 225 -17.00 -8.55 18.68
N ALA A 226 -16.87 -7.68 17.66
CA ALA A 226 -17.05 -8.04 16.23
C ALA A 226 -15.95 -8.96 15.65
N GLY A 227 -14.74 -8.82 16.19
CA GLY A 227 -13.60 -9.67 15.79
C GLY A 227 -12.33 -8.85 15.70
N GLY A 228 -11.34 -9.40 14.98
CA GLY A 228 -10.01 -8.75 14.92
C GLY A 228 -9.93 -7.71 13.82
N LYS A 229 -9.32 -6.57 14.12
N LYS A 229 -9.33 -6.56 14.12
CA LYS A 229 -9.11 -5.54 13.13
CA LYS A 229 -9.18 -5.48 13.16
C LYS A 229 -7.77 -4.85 13.34
C LYS A 229 -7.78 -4.84 13.34
N LEU A 230 -7.17 -4.43 12.24
CA LEU A 230 -5.94 -3.65 12.23
C LEU A 230 -6.21 -2.37 11.47
N HIS A 231 -5.87 -1.25 12.09
CA HIS A 231 -6.07 0.10 11.56
C HIS A 231 -4.78 0.79 11.33
N ILE A 232 -4.66 1.51 10.22
CA ILE A 232 -3.47 2.31 9.93
C ILE A 232 -3.97 3.68 9.53
N ILE A 233 -3.63 4.70 10.31
N ILE A 233 -3.72 4.69 10.37
CA ILE A 233 -4.25 6.01 10.13
CA ILE A 233 -4.35 6.02 10.23
C ILE A 233 -3.26 7.11 10.39
C ILE A 233 -3.30 7.11 10.41
N GLU A 234 -3.33 8.15 9.58
CA GLU A 234 -2.44 9.26 9.76
C GLU A 234 -2.92 10.08 10.96
N VAL A 235 -2.02 10.48 11.83
CA VAL A 235 -2.38 11.40 12.91
C VAL A 235 -1.89 12.78 12.58
N GLY A 236 -2.74 13.75 12.85
CA GLY A 236 -2.33 15.14 12.73
C GLY A 236 -2.71 15.63 11.35
N THR A 237 -2.39 16.89 11.13
CA THR A 237 -2.57 17.53 9.86
C THR A 237 -1.40 17.15 8.97
N PRO A 238 -1.67 16.76 7.70
CA PRO A 238 -0.51 16.46 6.88
C PRO A 238 0.44 17.65 6.77
N PRO A 239 1.76 17.41 6.76
CA PRO A 239 2.67 18.51 6.48
C PRO A 239 2.27 19.29 5.23
N THR A 240 2.57 20.58 5.19
CA THR A 240 2.11 21.42 4.09
C THR A 240 2.62 20.85 2.77
N GLY A 241 1.73 20.74 1.79
CA GLY A 241 2.08 20.21 0.47
C GLY A 241 1.77 18.72 0.32
N ASN A 242 1.85 17.96 1.42
CA ASN A 242 1.57 16.52 1.38
C ASN A 242 0.13 16.18 1.04
N GLN A 243 -0.07 15.10 0.29
CA GLN A 243 -1.35 14.42 0.29
C GLN A 243 -1.53 13.68 1.63
N PRO A 244 -2.77 13.55 2.10
CA PRO A 244 -3.06 12.74 3.27
C PRO A 244 -2.93 11.27 2.95
N PHE A 245 -2.52 10.52 3.94
CA PHE A 245 -2.48 9.07 3.85
C PHE A 245 -3.89 8.55 3.99
N PRO A 246 -4.40 7.79 3.02
CA PRO A 246 -5.74 7.21 3.19
C PRO A 246 -5.75 6.12 4.26
N LYS A 247 -6.64 6.22 5.25
CA LYS A 247 -6.67 5.21 6.31
C LYS A 247 -6.99 3.83 5.76
N LYS A 248 -6.41 2.85 6.40
CA LYS A 248 -6.59 1.46 6.03
C LYS A 248 -7.13 0.72 7.20
N ALA A 249 -7.89 -0.32 6.90
CA ALA A 249 -8.45 -1.18 7.94
C ALA A 249 -8.63 -2.55 7.35
N VAL A 250 -8.13 -3.56 8.05
CA VAL A 250 -8.14 -4.90 7.57
C VAL A 250 -8.44 -5.86 8.72
N ASP A 251 -8.91 -7.06 8.36
CA ASP A 251 -9.21 -8.05 9.38
C ASP A 251 -7.92 -8.59 10.00
N VAL A 252 -8.01 -8.97 11.27
CA VAL A 252 -6.97 -9.73 11.94
C VAL A 252 -7.60 -11.09 12.25
N PHE A 253 -7.03 -12.14 11.68
CA PHE A 253 -7.59 -13.46 11.72
C PHE A 253 -7.18 -14.18 13.00
N PHE A 254 -8.15 -14.85 13.61
CA PHE A 254 -7.92 -15.82 14.69
C PHE A 254 -8.61 -17.14 14.34
N PRO A 255 -7.87 -18.25 14.36
CA PRO A 255 -8.49 -19.54 14.04
C PRO A 255 -9.48 -20.00 15.11
N PRO A 256 -10.28 -21.01 14.80
CA PRO A 256 -11.39 -21.36 15.72
C PRO A 256 -10.97 -21.87 17.09
N GLU A 257 -9.77 -22.45 17.17
CA GLU A 257 -9.20 -22.93 18.42
C GLU A 257 -8.54 -21.82 19.26
N ALA A 258 -8.45 -20.62 18.69
CA ALA A 258 -7.83 -19.47 19.36
C ALA A 258 -8.90 -18.44 19.74
N GLN A 259 -10.03 -18.92 20.26
CA GLN A 259 -11.15 -18.03 20.52
C GLN A 259 -10.84 -17.02 21.62
N ASN A 260 -9.87 -17.33 22.49
CA ASN A 260 -9.52 -16.39 23.57
C ASN A 260 -8.18 -15.68 23.33
N ASP A 261 -7.65 -15.76 22.10
CA ASP A 261 -6.41 -15.06 21.77
C ASP A 261 -6.71 -13.59 21.44
N PHE A 262 -5.69 -12.76 21.54
CA PHE A 262 -5.77 -11.34 21.23
C PHE A 262 -4.36 -10.80 20.99
N PRO A 263 -4.25 -9.65 20.31
CA PRO A 263 -2.92 -9.09 20.04
C PRO A 263 -2.23 -8.62 21.32
N VAL A 264 -0.93 -8.85 21.40
CA VAL A 264 -0.14 -8.38 22.55
C VAL A 264 1.07 -7.50 22.19
N ALA A 265 1.59 -7.58 21.00
CA ALA A 265 2.77 -6.82 20.64
C ALA A 265 2.79 -6.43 19.19
N MET A 266 3.34 -5.25 18.93
CA MET A 266 3.51 -4.75 17.59
C MET A 266 4.85 -4.07 17.44
N GLN A 267 5.55 -4.34 16.34
CA GLN A 267 6.72 -3.55 15.97
C GLN A 267 6.61 -3.30 14.46
N ILE A 268 6.98 -2.09 14.05
CA ILE A 268 6.90 -1.71 12.68
C ILE A 268 8.30 -1.51 12.17
N SER A 269 8.63 -2.18 11.06
CA SER A 269 9.92 -2.01 10.40
C SER A 269 9.78 -0.89 9.41
N GLU A 270 10.56 0.16 9.59
CA GLU A 270 10.58 1.25 8.57
C GLU A 270 11.63 0.96 7.48
N LYS A 271 12.41 -0.10 7.63
CA LYS A 271 13.29 -0.58 6.57
C LYS A 271 12.46 -1.23 5.46
N HIS A 272 11.45 -1.98 5.82
CA HIS A 272 10.63 -2.73 4.87
C HIS A 272 9.18 -2.27 4.78
N ASP A 273 8.79 -1.32 5.66
CA ASP A 273 7.41 -0.82 5.75
C ASP A 273 6.45 -1.98 5.94
N VAL A 274 6.72 -2.77 6.98
CA VAL A 274 5.86 -3.90 7.38
C VAL A 274 5.58 -3.84 8.87
N VAL A 275 4.46 -4.43 9.26
CA VAL A 275 4.01 -4.44 10.64
C VAL A 275 4.08 -5.89 11.13
N PHE A 276 4.85 -6.13 12.18
CA PHE A 276 4.85 -7.42 12.90
C PHE A 276 3.85 -7.37 14.06
N LEU A 277 2.96 -8.35 14.12
CA LEU A 277 2.01 -8.46 15.19
C LEU A 277 2.16 -9.82 15.85
N ILE A 278 2.27 -9.82 17.16
CA ILE A 278 2.31 -11.07 17.93
C ILE A 278 1.08 -11.11 18.82
N THR A 279 0.47 -12.29 18.89
CA THR A 279 -0.71 -12.53 19.70
C THR A 279 -0.34 -13.17 21.03
N LYS A 280 -1.25 -13.08 22.00
CA LYS A 280 -1.02 -13.64 23.36
C LYS A 280 -0.61 -15.12 23.32
N TYR A 281 -1.19 -15.91 22.43
CA TYR A 281 -0.92 -17.35 22.41
C TYR A 281 0.10 -17.74 21.28
N GLY A 282 0.86 -16.75 20.83
CA GLY A 282 2.13 -16.96 20.13
C GLY A 282 2.09 -17.02 18.60
N TYR A 283 1.04 -16.43 18.00
CA TYR A 283 0.96 -16.34 16.55
C TYR A 283 1.68 -15.07 16.12
N ILE A 284 2.34 -15.12 14.96
CA ILE A 284 3.02 -14.02 14.34
C ILE A 284 2.25 -13.67 13.07
N HIS A 285 1.98 -12.40 12.86
CA HIS A 285 1.39 -11.92 11.60
C HIS A 285 2.33 -10.88 11.03
N LEU A 286 2.37 -10.80 9.69
CA LEU A 286 3.05 -9.74 9.02
C LEU A 286 2.08 -9.01 8.08
N TYR A 287 2.03 -7.68 8.20
CA TYR A 287 1.16 -6.83 7.35
C TYR A 287 1.99 -5.78 6.62
N ASP A 288 1.55 -5.43 5.43
CA ASP A 288 2.10 -4.27 4.73
C ASP A 288 1.62 -3.00 5.44
N LEU A 289 2.54 -2.11 5.75
CA LEU A 289 2.20 -0.86 6.44
C LEU A 289 1.38 0.07 5.53
N GLU A 290 1.64 0.04 4.23
CA GLU A 290 0.98 0.98 3.30
C GLU A 290 -0.49 0.68 3.07
N THR A 291 -0.80 -0.61 2.85
CA THR A 291 -2.14 -1.09 2.49
C THR A 291 -2.83 -1.86 3.57
N GLY A 292 -2.10 -2.32 4.57
CA GLY A 292 -2.66 -3.21 5.54
C GLY A 292 -2.71 -4.65 5.09
N THR A 293 -2.30 -4.96 3.87
CA THR A 293 -2.46 -6.32 3.36
C THR A 293 -1.77 -7.35 4.26
N CYS A 294 -2.46 -8.45 4.60
CA CYS A 294 -1.84 -9.53 5.39
C CYS A 294 -0.90 -10.34 4.51
N ILE A 295 0.39 -10.29 4.78
CA ILE A 295 1.39 -11.02 4.00
C ILE A 295 1.58 -12.46 4.48
N TYR A 296 1.52 -12.66 5.80
CA TYR A 296 1.88 -13.94 6.38
C TYR A 296 1.40 -14.08 7.80
N MET A 297 0.96 -15.29 8.14
CA MET A 297 0.69 -15.70 9.52
C MET A 297 1.31 -17.08 9.79
N ASN A 298 1.83 -17.26 10.99
CA ASN A 298 2.24 -18.60 11.45
C ASN A 298 2.33 -18.59 13.00
N ARG A 299 2.83 -19.65 13.59
CA ARG A 299 2.92 -19.78 15.06
C ARG A 299 4.40 -19.86 15.43
N ILE A 300 4.84 -18.99 16.32
CA ILE A 300 6.25 -18.89 16.72
C ILE A 300 6.46 -19.29 18.15
N SER A 301 5.40 -19.38 18.95
CA SER A 301 5.56 -19.82 20.33
C SER A 301 4.33 -20.54 20.84
N GLY A 302 4.56 -21.58 21.65
CA GLY A 302 3.46 -22.27 22.38
C GLY A 302 3.09 -21.45 23.62
N GLU A 303 4.09 -20.74 24.14
CA GLU A 303 4.00 -19.96 25.36
C GLU A 303 3.84 -18.49 25.00
N THR A 304 3.15 -17.71 25.83
N THR A 304 3.17 -17.72 25.85
CA THR A 304 3.02 -16.29 25.51
CA THR A 304 3.04 -16.31 25.62
C THR A 304 4.38 -15.61 25.55
C THR A 304 4.40 -15.61 25.56
N ILE A 305 4.55 -14.76 24.56
CA ILE A 305 5.68 -13.85 24.43
C ILE A 305 5.24 -12.58 25.12
N PHE A 306 5.86 -12.25 26.25
CA PHE A 306 5.30 -11.24 27.11
C PHE A 306 6.02 -9.89 27.05
N VAL A 307 7.17 -9.85 26.37
CA VAL A 307 7.95 -8.58 26.23
C VAL A 307 8.61 -8.64 24.86
N THR A 308 8.66 -7.51 24.17
CA THR A 308 9.27 -7.42 22.84
C THR A 308 9.98 -6.09 22.68
N ALA A 309 10.85 -6.05 21.70
CA ALA A 309 11.56 -4.84 21.32
C ALA A 309 11.86 -4.89 19.84
N PRO A 310 12.26 -3.78 19.23
CA PRO A 310 12.79 -3.85 17.87
C PRO A 310 14.07 -4.63 17.85
N HIS A 311 14.28 -5.43 16.80
CA HIS A 311 15.55 -6.11 16.62
C HIS A 311 16.31 -5.29 15.60
N GLU A 312 17.25 -4.49 16.10
CA GLU A 312 17.83 -3.41 15.30
C GLU A 312 18.53 -3.89 14.05
N ALA A 313 19.27 -4.98 14.14
CA ALA A 313 20.12 -5.40 13.03
C ALA A 313 19.31 -5.77 11.81
N THR A 314 18.12 -6.32 12.03
CA THR A 314 17.29 -6.86 10.94
C THR A 314 16.05 -6.05 10.72
N ALA A 315 15.85 -5.02 11.52
CA ALA A 315 14.60 -4.29 11.63
C ALA A 315 13.43 -5.23 11.81
N GLY A 316 13.57 -6.24 12.65
CA GLY A 316 12.52 -7.14 12.99
C GLY A 316 12.04 -6.92 14.41
N ILE A 317 11.59 -7.99 15.04
CA ILE A 317 11.06 -7.97 16.38
C ILE A 317 11.75 -9.06 17.19
N ILE A 318 12.10 -8.75 18.43
CA ILE A 318 12.70 -9.72 19.35
C ILE A 318 11.82 -9.78 20.60
N GLY A 319 11.73 -10.96 21.19
CA GLY A 319 10.85 -11.18 22.31
C GLY A 319 11.33 -12.31 23.22
N VAL A 320 10.75 -12.34 24.42
CA VAL A 320 11.01 -13.42 25.34
C VAL A 320 9.71 -14.09 25.71
N ASN A 321 9.72 -15.42 25.71
CA ASN A 321 8.54 -16.14 26.15
C ASN A 321 8.67 -16.66 27.56
N ARG A 322 7.58 -17.23 28.08
CA ARG A 322 7.55 -17.68 29.46
C ARG A 322 8.55 -18.77 29.80
N LYS A 323 8.97 -19.55 28.81
CA LYS A 323 10.01 -20.55 29.05
C LYS A 323 11.40 -19.95 29.19
N GLY A 324 11.54 -18.73 28.71
CA GLY A 324 12.81 -18.02 28.70
C GLY A 324 13.50 -18.13 27.35
N GLN A 325 12.80 -18.54 26.30
CA GLN A 325 13.41 -18.47 24.99
C GLN A 325 13.43 -17.01 24.52
N VAL A 326 14.58 -16.56 24.03
CA VAL A 326 14.71 -15.25 23.44
C VAL A 326 14.71 -15.47 21.93
N LEU A 327 13.68 -14.98 21.28
CA LEU A 327 13.47 -15.23 19.85
C LEU A 327 13.25 -13.97 19.05
N SER A 328 13.66 -14.00 17.79
CA SER A 328 13.42 -12.88 16.87
C SER A 328 12.81 -13.38 15.57
N VAL A 329 12.06 -12.46 14.93
CA VAL A 329 11.47 -12.69 13.62
C VAL A 329 11.83 -11.49 12.79
N CYS A 330 12.14 -11.73 11.52
CA CYS A 330 12.45 -10.63 10.62
C CYS A 330 12.05 -11.01 9.18
N VAL A 331 12.02 -10.02 8.32
CA VAL A 331 11.76 -10.27 6.88
C VAL A 331 12.90 -11.07 6.28
N GLU A 332 12.57 -12.10 5.51
CA GLU A 332 13.53 -12.82 4.66
C GLU A 332 13.65 -12.04 3.35
N GLU A 333 14.72 -11.27 3.22
CA GLU A 333 14.84 -10.28 2.15
C GLU A 333 14.91 -10.88 0.75
N GLU A 334 15.38 -12.11 0.65
CA GLU A 334 15.45 -12.80 -0.63
C GLU A 334 14.18 -13.51 -1.02
N ASN A 335 13.32 -13.79 -0.04
CA ASN A 335 12.10 -14.53 -0.28
C ASN A 335 10.80 -13.76 -0.31
N ILE A 336 10.75 -12.60 0.35
CA ILE A 336 9.47 -11.95 0.54
C ILE A 336 8.76 -11.61 -0.78
N ILE A 337 9.49 -11.10 -1.76
CA ILE A 337 8.88 -10.67 -3.02
C ILE A 337 8.35 -11.88 -3.83
N PRO A 338 9.19 -12.91 -4.04
CA PRO A 338 8.63 -14.11 -4.74
C PRO A 338 7.53 -14.80 -3.94
N TYR A 339 7.55 -14.70 -2.60
CA TYR A 339 6.43 -15.23 -1.81
C TYR A 339 5.13 -14.52 -2.15
N ILE A 340 5.16 -13.19 -2.15
CA ILE A 340 3.95 -12.40 -2.39
C ILE A 340 3.45 -12.64 -3.84
N THR A 341 4.37 -12.69 -4.79
CA THR A 341 4.01 -12.93 -6.21
C THR A 341 3.38 -14.30 -6.39
N ASN A 342 4.01 -15.33 -5.86
CA ASN A 342 3.66 -16.71 -6.17
C ASN A 342 2.73 -17.43 -5.21
N VAL A 343 2.86 -17.18 -3.91
CA VAL A 343 2.04 -17.86 -2.94
C VAL A 343 0.79 -17.03 -2.70
N LEU A 344 0.93 -15.72 -2.49
CA LEU A 344 -0.23 -14.84 -2.34
C LEU A 344 -0.85 -14.47 -3.64
N GLN A 345 -0.19 -14.74 -4.77
CA GLN A 345 -0.73 -14.40 -6.09
C GLN A 345 -1.07 -12.90 -6.16
N ASN A 346 -0.17 -12.07 -5.60
CA ASN A 346 -0.39 -10.64 -5.56
C ASN A 346 0.78 -9.87 -6.20
N PRO A 347 0.93 -9.95 -7.54
CA PRO A 347 2.08 -9.30 -8.18
C PRO A 347 2.09 -7.79 -8.03
N ASP A 348 0.91 -7.21 -7.87
N ASP A 348 0.90 -7.20 -7.88
CA ASP A 348 0.85 -5.78 -7.65
CA ASP A 348 0.78 -5.76 -7.64
C ASP A 348 1.54 -5.36 -6.34
C ASP A 348 1.49 -5.34 -6.34
N LEU A 349 1.20 -6.03 -5.24
CA LEU A 349 1.89 -5.74 -3.98
C LEU A 349 3.39 -6.10 -4.06
N ALA A 350 3.67 -7.22 -4.69
CA ALA A 350 5.05 -7.66 -4.86
C ALA A 350 5.90 -6.63 -5.55
N LEU A 351 5.40 -6.08 -6.65
CA LEU A 351 6.17 -5.11 -7.44
C LEU A 351 6.33 -3.81 -6.65
N ARG A 352 5.26 -3.37 -6.00
CA ARG A 352 5.33 -2.16 -5.18
C ARG A 352 6.37 -2.30 -4.08
N MET A 353 6.34 -3.42 -3.36
CA MET A 353 7.26 -3.57 -2.23
C MET A 353 8.69 -3.71 -2.72
N ALA A 354 8.89 -4.40 -3.83
CA ALA A 354 10.20 -4.55 -4.44
C ALA A 354 10.91 -3.22 -4.69
N VAL A 355 10.23 -2.28 -5.33
CA VAL A 355 10.82 -0.98 -5.63
C VAL A 355 10.77 -0.07 -4.42
N ARG A 356 9.73 -0.19 -3.57
CA ARG A 356 9.60 0.70 -2.42
C ARG A 356 10.75 0.50 -1.44
N ASN A 357 11.16 -0.74 -1.24
CA ASN A 357 12.17 -1.03 -0.20
C ASN A 357 13.41 -1.72 -0.77
N ASN A 358 13.62 -1.61 -2.08
CA ASN A 358 14.85 -2.07 -2.71
C ASN A 358 15.11 -3.56 -2.45
N LEU A 359 14.09 -4.37 -2.71
CA LEU A 359 14.15 -5.82 -2.53
C LEU A 359 14.17 -6.53 -3.89
N ALA A 360 14.94 -7.62 -3.95
CA ALA A 360 15.08 -8.42 -5.16
C ALA A 360 13.87 -9.34 -5.34
N GLY A 361 13.57 -9.69 -6.60
CA GLY A 361 12.57 -10.72 -6.85
C GLY A 361 11.41 -10.34 -7.75
N ALA A 362 11.26 -9.06 -8.13
CA ALA A 362 10.15 -8.63 -9.00
C ALA A 362 10.57 -8.40 -10.45
N GLU A 363 11.77 -8.90 -10.76
CA GLU A 363 12.31 -8.99 -12.11
C GLU A 363 11.43 -9.96 -12.91
N GLU A 364 10.75 -10.88 -12.21
CA GLU A 364 9.74 -11.78 -12.81
C GLU A 364 8.48 -11.88 -11.95
N LEU A 365 7.32 -11.61 -12.55
CA LEU A 365 6.01 -11.49 -11.82
C LEU A 365 4.91 -12.43 -12.37
N ILE B 6 -8.97 30.37 -14.54
CA ILE B 6 -9.63 29.39 -15.45
C ILE B 6 -8.67 28.22 -15.69
N LEU B 7 -9.19 27.00 -15.75
CA LEU B 7 -8.34 25.84 -15.99
C LEU B 7 -8.81 25.19 -17.29
N PRO B 8 -7.89 24.53 -18.02
CA PRO B 8 -8.27 23.98 -19.33
C PRO B 8 -8.94 22.61 -19.22
N ILE B 9 -8.96 22.02 -18.02
CA ILE B 9 -9.64 20.73 -17.77
C ILE B 9 -10.57 20.86 -16.56
N ARG B 10 -11.56 19.97 -16.50
CA ARG B 10 -12.62 19.88 -15.49
C ARG B 10 -12.46 18.52 -14.88
N PHE B 11 -12.57 18.45 -13.56
CA PHE B 11 -12.31 17.28 -12.79
C PHE B 11 -13.61 17.00 -12.03
N GLN B 12 -14.09 15.75 -12.06
N GLN B 12 -14.12 15.77 -12.08
CA GLN B 12 -15.44 15.39 -11.59
CA GLN B 12 -15.39 15.45 -11.42
C GLN B 12 -15.42 14.04 -10.81
C GLN B 12 -15.33 14.08 -10.74
N GLU B 13 -16.11 13.93 -9.68
CA GLU B 13 -16.30 12.64 -8.96
C GLU B 13 -17.66 12.08 -9.34
N HIS B 14 -17.69 10.84 -9.78
CA HIS B 14 -18.94 10.21 -10.18
C HIS B 14 -19.53 9.40 -9.07
N LEU B 15 -18.67 8.78 -8.26
CA LEU B 15 -19.06 7.77 -7.31
C LEU B 15 -17.97 7.51 -6.30
N GLN B 16 -18.38 7.10 -5.09
CA GLN B 16 -17.48 6.49 -4.09
C GLN B 16 -17.97 5.10 -3.88
N LEU B 17 -17.17 4.13 -4.29
CA LEU B 17 -17.62 2.76 -4.27
C LEU B 17 -17.86 2.27 -2.84
N GLN B 18 -17.14 2.85 -1.88
CA GLN B 18 -17.36 2.44 -0.48
C GLN B 18 -18.77 2.76 0.00
N ASN B 19 -19.37 3.84 -0.51
CA ASN B 19 -20.82 4.11 -0.30
C ASN B 19 -21.79 3.09 -0.84
N LEU B 20 -21.34 2.17 -1.71
CA LEU B 20 -22.15 1.03 -2.20
C LEU B 20 -21.85 -0.31 -1.51
N GLY B 21 -21.11 -0.27 -0.41
CA GLY B 21 -20.83 -1.48 0.34
C GLY B 21 -19.68 -2.28 -0.24
N ILE B 22 -18.84 -1.66 -1.06
CA ILE B 22 -17.71 -2.41 -1.63
C ILE B 22 -16.57 -2.38 -0.63
N ASN B 23 -15.99 -3.54 -0.40
CA ASN B 23 -14.86 -3.72 0.48
C ASN B 23 -13.60 -3.19 -0.20
N PRO B 24 -12.90 -2.26 0.44
CA PRO B 24 -11.71 -1.69 -0.17
C PRO B 24 -10.61 -2.71 -0.54
N ALA B 25 -10.57 -3.90 0.08
CA ALA B 25 -9.67 -4.99 -0.34
C ALA B 25 -9.95 -5.49 -1.76
N ASN B 26 -11.16 -5.30 -2.26
CA ASN B 26 -11.50 -5.67 -3.67
C ASN B 26 -11.42 -4.54 -4.66
N ILE B 27 -10.95 -3.38 -4.23
CA ILE B 27 -10.83 -2.26 -5.12
C ILE B 27 -9.37 -2.26 -5.58
N GLY B 28 -9.08 -3.02 -6.63
CA GLY B 28 -7.73 -3.09 -7.17
C GLY B 28 -7.73 -3.76 -8.52
N PHE B 29 -6.57 -3.74 -9.16
CA PHE B 29 -6.41 -4.21 -10.57
C PHE B 29 -6.95 -5.63 -10.83
N SER B 30 -6.73 -6.55 -9.90
CA SER B 30 -7.12 -7.94 -10.14
C SER B 30 -8.63 -8.24 -9.95
N THR B 31 -9.35 -7.41 -9.21
CA THR B 31 -10.72 -7.70 -8.85
C THR B 31 -11.74 -6.68 -9.34
N LEU B 32 -11.30 -5.50 -9.80
CA LEU B 32 -12.22 -4.45 -10.24
C LEU B 32 -11.93 -4.10 -11.67
N THR B 33 -12.94 -4.26 -12.56
CA THR B 33 -12.73 -3.96 -13.98
C THR B 33 -13.69 -2.86 -14.43
N MET B 34 -13.22 -2.08 -15.38
CA MET B 34 -13.98 -0.98 -15.92
C MET B 34 -13.56 -0.88 -17.35
N GLU B 35 -14.26 -1.65 -18.19
CA GLU B 35 -13.90 -1.76 -19.63
C GLU B 35 -14.42 -0.61 -20.48
N SER B 36 -15.39 0.14 -19.98
CA SER B 36 -15.88 1.34 -20.52
C SER B 36 -16.49 2.14 -19.38
N ASP B 37 -17.04 3.30 -19.71
CA ASP B 37 -17.64 4.14 -18.69
C ASP B 37 -19.02 3.68 -18.29
N LYS B 38 -19.51 2.58 -18.88
CA LYS B 38 -20.90 2.16 -18.62
C LYS B 38 -21.10 1.24 -17.43
N PHE B 39 -20.10 0.47 -17.06
CA PHE B 39 -20.19 -0.53 -16.01
C PHE B 39 -18.88 -0.64 -15.24
N ILE B 40 -19.00 -0.99 -13.97
CA ILE B 40 -17.88 -1.43 -13.14
C ILE B 40 -18.23 -2.79 -12.62
N CYS B 41 -17.33 -3.75 -12.72
CA CYS B 41 -17.53 -5.10 -12.14
C CYS B 41 -16.52 -5.34 -11.06
N ILE B 42 -16.98 -5.85 -9.92
CA ILE B 42 -16.11 -6.16 -8.78
C ILE B 42 -16.30 -7.58 -8.34
N ARG B 43 -15.23 -8.37 -8.31
CA ARG B 43 -15.26 -9.72 -7.76
C ARG B 43 -15.02 -9.67 -6.23
N GLU B 44 -15.96 -10.23 -5.49
CA GLU B 44 -15.92 -10.22 -4.01
C GLU B 44 -16.24 -11.62 -3.51
N LYS B 45 -15.80 -11.92 -2.29
CA LYS B 45 -16.21 -13.12 -1.55
C LYS B 45 -16.97 -12.62 -0.33
N VAL B 46 -18.25 -13.00 -0.25
CA VAL B 46 -19.14 -12.70 0.86
C VAL B 46 -19.47 -14.06 1.49
N GLY B 47 -18.87 -14.32 2.65
CA GLY B 47 -18.89 -15.64 3.27
C GLY B 47 -18.06 -16.63 2.46
N GLU B 48 -18.68 -17.76 2.14
CA GLU B 48 -18.05 -18.82 1.32
C GLU B 48 -18.22 -18.58 -0.19
N GLN B 49 -19.16 -17.70 -0.56
CA GLN B 49 -19.58 -17.58 -1.97
C GLN B 49 -18.83 -16.42 -2.66
N ALA B 50 -18.15 -16.75 -3.74
CA ALA B 50 -17.62 -15.73 -4.64
C ALA B 50 -18.80 -15.12 -5.44
N GLN B 51 -18.75 -13.81 -5.65
CA GLN B 51 -19.74 -13.13 -6.42
C GLN B 51 -19.15 -12.00 -7.23
N VAL B 52 -19.92 -11.55 -8.20
CA VAL B 52 -19.57 -10.34 -8.96
C VAL B 52 -20.61 -9.30 -8.63
N VAL B 53 -20.16 -8.07 -8.36
CA VAL B 53 -21.01 -6.95 -8.19
C VAL B 53 -20.94 -6.13 -9.47
N ILE B 54 -22.09 -5.90 -10.11
CA ILE B 54 -22.13 -5.17 -11.36
C ILE B 54 -22.81 -3.85 -11.10
N ILE B 55 -22.08 -2.76 -11.31
CA ILE B 55 -22.55 -1.42 -11.11
C ILE B 55 -22.81 -0.83 -12.48
N ASP B 56 -24.09 -0.53 -12.72
CA ASP B 56 -24.54 0.16 -13.92
C ASP B 56 -24.34 1.64 -13.62
N MET B 57 -23.47 2.28 -14.37
CA MET B 57 -23.12 3.66 -14.09
C MET B 57 -24.28 4.64 -14.37
N ASN B 58 -25.27 4.20 -15.14
CA ASN B 58 -26.51 4.94 -15.32
C ASN B 58 -27.58 4.67 -14.24
N ASP B 59 -27.34 3.72 -13.33
CA ASP B 59 -28.18 3.46 -12.15
C ASP B 59 -27.34 2.93 -10.98
N PRO B 60 -26.38 3.75 -10.51
CA PRO B 60 -25.34 3.22 -9.61
C PRO B 60 -25.76 2.82 -8.21
N SER B 61 -26.90 3.31 -7.73
CA SER B 61 -27.33 2.97 -6.39
C SER B 61 -27.98 1.60 -6.33
N ASN B 62 -28.24 0.96 -7.47
CA ASN B 62 -28.86 -0.36 -7.52
C ASN B 62 -27.96 -1.45 -8.14
N PRO B 63 -26.80 -1.74 -7.52
CA PRO B 63 -25.94 -2.79 -8.12
C PRO B 63 -26.58 -4.18 -8.04
N ILE B 64 -26.23 -5.07 -8.97
CA ILE B 64 -26.63 -6.46 -8.85
C ILE B 64 -25.45 -7.29 -8.43
N ARG B 65 -25.74 -8.30 -7.60
CA ARG B 65 -24.73 -9.25 -7.12
CA ARG B 65 -24.73 -9.23 -7.14
C ARG B 65 -25.15 -10.63 -7.58
N ARG B 66 -24.24 -11.36 -8.23
CA ARG B 66 -24.54 -12.69 -8.73
C ARG B 66 -23.42 -13.60 -8.31
N PRO B 67 -23.73 -14.85 -7.90
CA PRO B 67 -22.65 -15.77 -7.67
C PRO B 67 -21.82 -16.11 -8.93
N ILE B 68 -20.52 -16.31 -8.75
CA ILE B 68 -19.65 -16.74 -9.81
C ILE B 68 -18.70 -17.80 -9.30
N SER B 69 -18.04 -18.46 -10.25
CA SER B 69 -16.91 -19.30 -9.99
C SER B 69 -15.84 -18.97 -11.01
N ALA B 70 -15.45 -17.71 -11.08
CA ALA B 70 -14.51 -17.20 -12.10
C ALA B 70 -13.38 -16.46 -11.46
N ASP B 71 -12.24 -16.44 -12.13
CA ASP B 71 -11.07 -15.69 -11.67
C ASP B 71 -11.00 -14.30 -12.23
N SER B 72 -11.89 -13.98 -13.16
CA SER B 72 -11.86 -12.67 -13.81
C SER B 72 -13.20 -12.45 -14.49
N ALA B 73 -13.67 -11.21 -14.47
CA ALA B 73 -14.92 -10.81 -15.08
C ALA B 73 -14.74 -9.49 -15.76
N ILE B 74 -15.06 -9.42 -17.06
CA ILE B 74 -14.98 -8.16 -17.80
C ILE B 74 -16.26 -7.95 -18.59
N MET B 75 -16.92 -6.86 -18.34
CA MET B 75 -18.13 -6.49 -19.06
C MET B 75 -17.83 -5.92 -20.42
N ASN B 76 -18.68 -6.29 -21.39
CA ASN B 76 -18.62 -5.66 -22.74
C ASN B 76 -18.68 -4.13 -22.59
N PRO B 77 -18.03 -3.38 -23.50
CA PRO B 77 -18.10 -1.92 -23.39
C PRO B 77 -19.46 -1.26 -23.55
N ALA B 78 -20.39 -1.92 -24.26
CA ALA B 78 -21.67 -1.30 -24.62
C ALA B 78 -22.90 -1.98 -24.07
N SER B 79 -22.83 -3.28 -23.84
CA SER B 79 -24.04 -4.11 -23.57
C SER B 79 -23.80 -4.88 -22.28
N LYS B 80 -24.89 -5.37 -21.67
N LYS B 80 -24.89 -5.31 -21.63
CA LYS B 80 -24.76 -6.16 -20.44
CA LYS B 80 -24.78 -6.17 -20.43
C LYS B 80 -24.45 -7.62 -20.81
C LYS B 80 -24.45 -7.62 -20.83
N VAL B 81 -23.29 -7.78 -21.43
CA VAL B 81 -22.77 -9.04 -21.87
C VAL B 81 -21.46 -9.14 -21.15
N ILE B 82 -21.25 -10.22 -20.44
CA ILE B 82 -20.14 -10.34 -19.53
C ILE B 82 -19.29 -11.56 -19.89
N ALA B 83 -17.97 -11.36 -19.93
CA ALA B 83 -17.03 -12.44 -20.11
C ALA B 83 -16.43 -12.86 -18.81
N LEU B 84 -16.46 -14.17 -18.55
CA LEU B 84 -15.86 -14.74 -17.36
C LEU B 84 -14.91 -15.85 -17.70
N LYS B 85 -13.87 -16.00 -16.89
CA LYS B 85 -12.94 -17.10 -17.10
C LYS B 85 -12.53 -17.72 -15.80
N ALA B 86 -12.15 -19.01 -15.91
CA ALA B 86 -11.60 -19.79 -14.79
C ALA B 86 -10.53 -20.65 -15.41
N GLY B 87 -9.28 -20.22 -15.28
CA GLY B 87 -8.15 -20.85 -15.93
C GLY B 87 -8.23 -20.81 -17.45
N LYS B 88 -8.46 -21.97 -18.02
CA LYS B 88 -8.55 -22.13 -19.47
C LYS B 88 -9.99 -21.99 -19.97
N THR B 89 -10.97 -22.00 -19.06
CA THR B 89 -12.36 -22.02 -19.46
C THR B 89 -12.89 -20.57 -19.61
N LEU B 90 -13.42 -20.24 -20.79
CA LEU B 90 -13.95 -18.91 -21.05
C LEU B 90 -15.42 -19.02 -21.35
N GLN B 91 -16.22 -18.14 -20.77
CA GLN B 91 -17.66 -18.14 -21.00
C GLN B 91 -18.18 -16.76 -21.15
N ILE B 92 -19.10 -16.56 -22.09
CA ILE B 92 -19.70 -15.27 -22.33
C ILE B 92 -21.21 -15.36 -22.09
N PHE B 93 -21.76 -14.45 -21.27
CA PHE B 93 -23.17 -14.48 -20.94
C PHE B 93 -23.86 -13.20 -21.34
N ASN B 94 -25.11 -13.31 -21.82
CA ASN B 94 -25.95 -12.16 -21.92
C ASN B 94 -26.80 -12.12 -20.65
N ILE B 95 -26.54 -11.13 -19.81
CA ILE B 95 -27.14 -11.11 -18.49
C ILE B 95 -28.69 -11.00 -18.53
N GLU B 96 -29.20 -10.11 -19.34
CA GLU B 96 -30.65 -9.91 -19.40
C GLU B 96 -31.40 -11.11 -20.00
N MET B 97 -30.76 -11.81 -20.94
CA MET B 97 -31.31 -13.05 -21.49
C MET B 97 -31.07 -14.28 -20.62
N LYS B 98 -30.32 -14.11 -19.55
CA LYS B 98 -29.94 -15.21 -18.66
C LYS B 98 -29.36 -16.38 -19.41
N SER B 99 -28.45 -16.09 -20.35
CA SER B 99 -28.06 -16.98 -21.42
C SER B 99 -26.54 -17.06 -21.56
N LYS B 100 -26.04 -18.29 -21.67
CA LYS B 100 -24.64 -18.59 -22.05
C LYS B 100 -24.50 -18.52 -23.55
N MET B 101 -23.98 -17.38 -24.02
N MET B 101 -23.92 -17.43 -24.04
CA MET B 101 -23.80 -17.07 -25.44
CA MET B 101 -23.89 -17.19 -25.46
C MET B 101 -22.79 -18.02 -26.07
C MET B 101 -22.72 -17.89 -26.18
N LYS B 102 -21.61 -18.08 -25.45
CA LYS B 102 -20.39 -18.70 -26.02
C LYS B 102 -19.61 -19.36 -24.87
N ALA B 103 -18.88 -20.43 -25.21
CA ALA B 103 -17.89 -21.05 -24.29
C ALA B 103 -16.73 -21.50 -25.13
N HIS B 104 -15.54 -21.38 -24.58
CA HIS B 104 -14.35 -21.88 -25.25
C HIS B 104 -13.37 -22.31 -24.21
N THR B 105 -12.70 -23.44 -24.46
CA THR B 105 -11.61 -23.91 -23.60
C THR B 105 -10.27 -23.75 -24.29
N MET B 106 -9.43 -22.91 -23.70
CA MET B 106 -8.09 -22.67 -24.25
C MET B 106 -7.19 -23.81 -23.84
N THR B 107 -6.07 -23.94 -24.54
CA THR B 107 -5.07 -24.94 -24.15
C THR B 107 -4.14 -24.35 -23.08
N ASP B 108 -4.04 -23.02 -22.97
CA ASP B 108 -3.21 -22.35 -22.00
C ASP B 108 -4.01 -21.38 -21.16
N ASP B 109 -3.57 -21.14 -19.93
CA ASP B 109 -4.27 -20.16 -19.08
C ASP B 109 -4.20 -18.76 -19.70
N VAL B 110 -5.30 -18.02 -19.58
CA VAL B 110 -5.34 -16.64 -20.05
C VAL B 110 -4.97 -15.75 -18.89
N THR B 111 -3.85 -15.06 -18.97
CA THR B 111 -3.31 -14.29 -17.86
C THR B 111 -3.82 -12.83 -17.84
N PHE B 112 -4.27 -12.32 -18.99
CA PHE B 112 -4.81 -10.98 -19.12
C PHE B 112 -5.81 -10.99 -20.28
N TRP B 113 -6.93 -10.30 -20.11
CA TRP B 113 -7.84 -10.14 -21.22
C TRP B 113 -8.59 -8.86 -21.11
N LYS B 114 -9.09 -8.39 -22.24
CA LYS B 114 -9.74 -7.08 -22.32
C LYS B 114 -10.59 -7.01 -23.56
N TRP B 115 -11.73 -6.31 -23.49
CA TRP B 115 -12.47 -6.00 -24.70
C TRP B 115 -11.76 -4.93 -25.50
N ILE B 116 -11.49 -5.17 -26.77
CA ILE B 116 -10.80 -4.21 -27.60
C ILE B 116 -11.71 -3.49 -28.57
N SER B 117 -12.98 -3.89 -28.59
CA SER B 117 -13.99 -3.24 -29.44
C SER B 117 -15.35 -3.64 -28.89
N LEU B 118 -16.43 -3.24 -29.57
CA LEU B 118 -17.75 -3.64 -29.13
C LEU B 118 -17.97 -5.13 -29.25
N ASN B 119 -17.23 -5.82 -30.10
CA ASN B 119 -17.53 -7.24 -30.29
C ASN B 119 -16.38 -8.19 -30.22
N THR B 120 -15.20 -7.69 -29.82
CA THR B 120 -14.02 -8.55 -29.78
C THR B 120 -13.30 -8.45 -28.44
N VAL B 121 -12.96 -9.60 -27.89
CA VAL B 121 -12.21 -9.74 -26.67
C VAL B 121 -10.82 -10.19 -27.06
N ALA B 122 -9.81 -9.55 -26.51
CA ALA B 122 -8.42 -10.00 -26.69
C ALA B 122 -7.97 -10.86 -25.50
N LEU B 123 -7.22 -11.93 -25.77
CA LEU B 123 -6.78 -12.89 -24.78
C LEU B 123 -5.28 -12.95 -24.83
N VAL B 124 -4.65 -12.82 -23.68
CA VAL B 124 -3.21 -12.92 -23.59
C VAL B 124 -2.87 -14.13 -22.75
N THR B 125 -2.06 -15.03 -23.31
CA THR B 125 -1.54 -16.19 -22.54
C THR B 125 -0.07 -15.89 -22.25
N ASP B 126 0.60 -16.84 -21.60
CA ASP B 126 2.03 -16.68 -21.36
C ASP B 126 2.79 -16.56 -22.68
N ASN B 127 2.26 -17.14 -23.77
CA ASN B 127 3.04 -17.24 -25.02
C ASN B 127 2.46 -16.52 -26.25
N ALA B 128 1.22 -16.05 -26.23
CA ALA B 128 0.62 -15.47 -27.43
C ALA B 128 -0.59 -14.60 -27.13
N VAL B 129 -1.01 -13.89 -28.16
CA VAL B 129 -2.17 -13.01 -28.10
C VAL B 129 -3.18 -13.44 -29.13
N TYR B 130 -4.43 -13.53 -28.69
CA TYR B 130 -5.59 -13.98 -29.47
C TYR B 130 -6.66 -12.90 -29.53
N HIS B 131 -7.42 -12.88 -30.63
CA HIS B 131 -8.61 -12.07 -30.71
C HIS B 131 -9.82 -13.02 -30.84
N TRP B 132 -10.90 -12.75 -30.13
CA TRP B 132 -12.08 -13.59 -30.17
C TRP B 132 -13.31 -12.70 -30.45
N SER B 133 -13.82 -12.82 -31.67
CA SER B 133 -15.02 -12.09 -32.12
C SER B 133 -16.26 -12.76 -31.56
N MET B 134 -17.22 -11.96 -31.15
CA MET B 134 -18.51 -12.44 -30.73
C MET B 134 -19.49 -12.67 -31.86
N GLU B 135 -19.15 -12.30 -33.08
CA GLU B 135 -20.04 -12.49 -34.22
C GLU B 135 -20.06 -13.91 -34.70
N GLY B 136 -21.24 -14.45 -34.92
CA GLY B 136 -21.37 -15.79 -35.48
C GLY B 136 -20.79 -16.87 -34.61
N GLU B 137 -20.05 -17.82 -35.22
CA GLU B 137 -19.49 -18.95 -34.46
C GLU B 137 -17.94 -18.85 -34.36
N SER B 138 -17.43 -17.65 -34.35
CA SER B 138 -15.98 -17.45 -34.33
C SER B 138 -15.36 -18.02 -33.03
N GLN B 139 -14.13 -18.53 -33.12
CA GLN B 139 -13.37 -18.98 -31.97
C GLN B 139 -12.11 -18.08 -31.90
N PRO B 140 -11.39 -18.15 -30.79
CA PRO B 140 -10.22 -17.24 -30.71
C PRO B 140 -9.20 -17.52 -31.80
N VAL B 141 -8.62 -16.47 -32.36
CA VAL B 141 -7.66 -16.57 -33.45
C VAL B 141 -6.33 -16.05 -32.90
N LYS B 142 -5.25 -16.86 -33.06
CA LYS B 142 -3.92 -16.42 -32.62
C LYS B 142 -3.41 -15.33 -33.53
N MET B 143 -3.22 -14.13 -33.01
CA MET B 143 -2.80 -12.98 -33.79
C MET B 143 -1.27 -12.96 -33.96
N PHE B 144 -0.58 -13.15 -32.85
CA PHE B 144 0.88 -13.14 -32.85
C PHE B 144 1.38 -13.88 -31.62
N ASP B 145 2.65 -14.25 -31.69
CA ASP B 145 3.36 -14.88 -30.58
C ASP B 145 4.10 -13.82 -29.78
N ARG B 146 4.12 -14.00 -28.46
CA ARG B 146 4.77 -13.01 -27.61
C ARG B 146 6.27 -12.92 -27.81
N HIS B 147 6.79 -11.71 -27.67
CA HIS B 147 8.22 -11.43 -27.77
C HIS B 147 8.90 -11.73 -26.45
N SER B 148 10.11 -12.26 -26.51
CA SER B 148 10.85 -12.69 -25.29
C SER B 148 11.08 -11.56 -24.31
N SER B 149 11.12 -10.33 -24.81
CA SER B 149 11.34 -9.14 -23.96
C SER B 149 10.24 -8.96 -22.93
N LEU B 150 9.05 -9.55 -23.16
CA LEU B 150 7.95 -9.48 -22.16
C LEU B 150 7.89 -10.66 -21.20
N ALA B 151 8.86 -11.54 -21.27
CA ALA B 151 8.80 -12.77 -20.49
C ALA B 151 8.94 -12.39 -19.02
N GLY B 152 8.07 -12.94 -18.20
CA GLY B 152 8.14 -12.64 -16.78
C GLY B 152 7.55 -11.28 -16.39
N CYS B 153 7.04 -10.47 -17.34
CA CYS B 153 6.38 -9.22 -17.00
C CYS B 153 4.95 -9.45 -16.50
N GLN B 154 4.46 -8.52 -15.66
CA GLN B 154 3.07 -8.46 -15.33
C GLN B 154 2.43 -7.77 -16.52
N ILE B 155 1.53 -8.46 -17.23
CA ILE B 155 0.80 -7.78 -18.31
C ILE B 155 -0.22 -6.80 -17.76
N ILE B 156 -0.16 -5.56 -18.23
CA ILE B 156 -1.03 -4.52 -17.74
C ILE B 156 -1.92 -3.88 -18.75
N ASN B 157 -1.68 -4.09 -20.04
CA ASN B 157 -2.60 -3.53 -21.03
C ASN B 157 -2.39 -4.18 -22.38
N TYR B 158 -3.42 -4.04 -23.20
CA TYR B 158 -3.37 -4.47 -24.58
C TYR B 158 -4.32 -3.55 -25.32
N ARG B 159 -3.82 -3.00 -26.43
CA ARG B 159 -4.68 -2.20 -27.29
C ARG B 159 -4.32 -2.17 -28.69
N THR B 160 -5.26 -1.66 -29.49
CA THR B 160 -5.08 -1.69 -30.94
C THR B 160 -5.46 -0.37 -31.57
N ASP B 161 -5.08 -0.21 -32.82
CA ASP B 161 -5.65 0.89 -33.59
C ASP B 161 -7.09 0.59 -34.00
N ALA B 162 -7.75 1.58 -34.59
CA ALA B 162 -9.14 1.44 -34.93
C ALA B 162 -9.37 0.28 -35.90
N LYS B 163 -8.46 0.10 -36.84
CA LYS B 163 -8.63 -0.94 -37.86
C LYS B 163 -8.07 -2.32 -37.45
N GLN B 164 -7.53 -2.41 -36.25
CA GLN B 164 -6.95 -3.65 -35.71
C GLN B 164 -5.83 -4.18 -36.61
N LYS B 165 -5.03 -3.28 -37.13
CA LYS B 165 -3.83 -3.64 -37.91
C LYS B 165 -2.53 -3.43 -37.14
N TRP B 166 -2.60 -2.68 -36.05
CA TRP B 166 -1.44 -2.40 -35.19
C TRP B 166 -1.82 -2.74 -33.76
N LEU B 167 -1.07 -3.65 -33.14
CA LEU B 167 -1.48 -4.28 -31.87
C LEU B 167 -0.38 -3.99 -30.89
N LEU B 168 -0.72 -3.71 -29.64
CA LEU B 168 0.28 -3.33 -28.64
C LEU B 168 0.02 -3.97 -27.31
N LEU B 169 0.97 -4.77 -26.87
CA LEU B 169 0.94 -5.49 -25.61
C LEU B 169 1.94 -4.84 -24.65
N THR B 170 1.53 -4.54 -23.42
CA THR B 170 2.41 -3.85 -22.44
C THR B 170 2.51 -4.67 -21.16
N GLY B 171 3.76 -4.91 -20.74
CA GLY B 171 4.03 -5.50 -19.43
C GLY B 171 5.02 -4.68 -18.63
N ILE B 172 5.04 -4.94 -17.33
CA ILE B 172 5.98 -4.24 -16.43
C ILE B 172 6.72 -5.22 -15.56
N SER B 173 7.88 -4.81 -15.09
CA SER B 173 8.65 -5.60 -14.08
C SER B 173 9.57 -4.63 -13.37
N ALA B 174 10.23 -5.13 -12.33
CA ALA B 174 11.26 -4.34 -11.63
C ALA B 174 12.64 -4.62 -12.19
N GLN B 175 13.38 -3.58 -12.56
CA GLN B 175 14.75 -3.72 -12.99
C GLN B 175 15.52 -2.55 -12.42
N GLN B 176 16.64 -2.84 -11.77
CA GLN B 176 17.44 -1.83 -11.05
C GLN B 176 16.58 -0.92 -10.17
N ASN B 177 15.68 -1.54 -9.42
CA ASN B 177 14.86 -0.82 -8.48
C ASN B 177 13.97 0.28 -9.11
N ARG B 178 13.52 0.07 -10.36
CA ARG B 178 12.46 0.92 -10.90
C ARG B 178 11.51 0.02 -11.69
N VAL B 179 10.32 0.53 -11.90
CA VAL B 179 9.31 -0.20 -12.67
C VAL B 179 9.59 0.12 -14.12
N VAL B 180 9.96 -0.90 -14.87
CA VAL B 180 10.28 -0.74 -16.27
C VAL B 180 9.17 -1.35 -17.11
N GLY B 181 8.74 -0.60 -18.12
CA GLY B 181 7.73 -1.09 -19.08
C GLY B 181 8.36 -1.68 -20.33
N ALA B 182 7.77 -2.79 -20.80
CA ALA B 182 8.22 -3.47 -22.01
C ALA B 182 6.97 -3.61 -22.88
N MET B 183 7.06 -3.11 -24.11
N MET B 183 7.02 -3.03 -24.08
CA MET B 183 5.95 -3.16 -25.04
CA MET B 183 5.92 -3.09 -25.04
C MET B 183 6.31 -3.93 -26.27
C MET B 183 6.31 -4.00 -26.17
N GLN B 184 5.31 -4.63 -26.79
CA GLN B 184 5.47 -5.32 -28.06
C GLN B 184 4.49 -4.72 -29.03
N LEU B 185 5.01 -4.09 -30.08
CA LEU B 185 4.19 -3.53 -31.14
C LEU B 185 4.18 -4.52 -32.27
N TYR B 186 3.00 -4.91 -32.72
CA TYR B 186 2.89 -5.93 -33.78
C TYR B 186 2.13 -5.35 -34.95
N SER B 187 2.69 -5.54 -36.14
CA SER B 187 2.03 -5.17 -37.40
C SER B 187 1.32 -6.39 -38.00
N VAL B 188 0.00 -6.33 -38.07
CA VAL B 188 -0.81 -7.40 -38.69
C VAL B 188 -0.45 -7.58 -40.19
N ASP B 189 -0.21 -6.48 -40.87
CA ASP B 189 0.07 -6.59 -42.30
C ASP B 189 1.48 -7.07 -42.60
N ARG B 190 2.45 -6.70 -41.77
N ARG B 190 2.46 -6.70 -41.78
CA ARG B 190 3.85 -7.07 -41.99
CA ARG B 190 3.84 -7.06 -41.99
C ARG B 190 4.25 -8.37 -41.30
C ARG B 190 4.28 -8.32 -41.25
N LYS B 191 3.49 -8.79 -40.28
CA LYS B 191 3.85 -9.97 -39.45
C LYS B 191 5.18 -9.83 -38.78
N VAL B 192 5.42 -8.63 -38.24
CA VAL B 192 6.65 -8.25 -37.60
C VAL B 192 6.30 -7.61 -36.26
N SER B 193 7.12 -7.91 -35.26
CA SER B 193 7.03 -7.30 -33.93
C SER B 193 8.22 -6.40 -33.68
N GLN B 194 8.00 -5.38 -32.87
CA GLN B 194 9.08 -4.51 -32.43
C GLN B 194 9.01 -4.33 -30.93
N PRO B 195 10.12 -4.60 -30.21
CA PRO B 195 10.08 -4.35 -28.76
C PRO B 195 10.43 -2.89 -28.49
N ILE B 196 9.70 -2.26 -27.57
CA ILE B 196 9.84 -0.87 -27.30
C ILE B 196 9.73 -0.70 -25.77
N GLU B 197 10.64 0.08 -25.18
CA GLU B 197 10.50 0.43 -23.76
C GLU B 197 9.43 1.50 -23.65
N GLY B 198 8.37 1.22 -22.90
CA GLY B 198 7.28 2.14 -22.73
C GLY B 198 6.32 1.73 -21.64
N HIS B 199 5.68 2.73 -21.02
CA HIS B 199 4.81 2.51 -19.86
C HIS B 199 3.31 2.61 -20.15
N ALA B 200 2.91 3.52 -21.03
CA ALA B 200 1.53 3.72 -21.37
C ALA B 200 1.43 4.20 -22.79
N ALA B 201 0.35 3.83 -23.44
CA ALA B 201 0.26 4.18 -24.87
C ALA B 201 -1.16 4.10 -25.38
N SER B 202 -1.34 4.72 -26.54
CA SER B 202 -2.61 4.63 -27.26
C SER B 202 -2.37 4.88 -28.75
N PHE B 203 -3.28 4.35 -29.56
CA PHE B 203 -3.32 4.72 -30.97
C PHE B 203 -4.34 5.82 -31.14
N ALA B 204 -4.26 6.52 -32.28
CA ALA B 204 -5.27 7.53 -32.61
C ALA B 204 -5.33 7.75 -34.12
N GLN B 205 -6.50 8.17 -34.59
CA GLN B 205 -6.68 8.57 -35.97
C GLN B 205 -6.61 10.10 -35.97
N PHE B 206 -5.82 10.66 -36.88
CA PHE B 206 -5.65 12.12 -36.96
C PHE B 206 -5.52 12.51 -38.42
N LYS B 207 -6.39 13.40 -38.89
CA LYS B 207 -6.29 13.85 -40.27
C LYS B 207 -5.55 15.19 -40.32
N MET B 208 -4.35 15.17 -40.89
CA MET B 208 -3.59 16.39 -41.10
C MET B 208 -4.27 17.31 -42.12
N GLU B 209 -4.16 18.63 -41.91
CA GLU B 209 -4.71 19.54 -42.91
C GLU B 209 -3.92 19.31 -44.19
N GLY B 210 -4.65 19.30 -45.28
CA GLY B 210 -4.08 19.04 -46.60
C GLY B 210 -4.00 17.58 -46.95
N ASN B 211 -4.25 16.67 -46.00
CA ASN B 211 -4.35 15.25 -46.32
C ASN B 211 -5.76 14.78 -46.64
N ALA B 212 -5.87 13.91 -47.63
CA ALA B 212 -7.18 13.34 -47.97
C ALA B 212 -7.66 12.31 -46.91
N GLU B 213 -6.71 11.61 -46.31
CA GLU B 213 -7.05 10.49 -45.43
C GLU B 213 -6.45 10.71 -44.05
N GLU B 214 -7.06 10.06 -43.07
CA GLU B 214 -6.52 10.04 -41.70
C GLU B 214 -5.18 9.30 -41.63
N SER B 215 -4.29 9.81 -40.79
CA SER B 215 -3.10 9.11 -40.37
C SER B 215 -3.43 8.23 -39.14
N THR B 216 -2.78 7.08 -39.02
CA THR B 216 -2.83 6.30 -37.76
C THR B 216 -1.58 6.64 -36.96
N LEU B 217 -1.79 7.21 -35.78
CA LEU B 217 -0.72 7.61 -34.92
C LEU B 217 -0.57 6.66 -33.74
N PHE B 218 0.66 6.45 -33.33
CA PHE B 218 1.01 5.67 -32.15
C PHE B 218 1.61 6.66 -31.16
N CYS B 219 1.03 6.77 -29.97
N CYS B 219 1.05 6.73 -29.96
CA CYS B 219 1.54 7.67 -28.92
CA CYS B 219 1.54 7.63 -28.92
C CYS B 219 1.91 6.85 -27.69
C CYS B 219 1.91 6.83 -27.70
N PHE B 220 3.13 6.98 -27.21
CA PHE B 220 3.53 6.29 -26.01
C PHE B 220 4.35 7.20 -25.10
N ALA B 221 4.21 6.94 -23.83
CA ALA B 221 4.96 7.69 -22.79
C ALA B 221 5.79 6.66 -22.01
N VAL B 222 7.00 7.05 -21.64
CA VAL B 222 7.93 6.18 -20.97
C VAL B 222 8.78 7.04 -19.97
N ARG B 223 9.04 6.50 -18.80
CA ARG B 223 10.09 7.06 -17.92
C ARG B 223 11.24 6.10 -18.07
N GLY B 224 12.23 6.53 -18.84
CA GLY B 224 13.38 5.73 -19.11
C GLY B 224 14.47 6.08 -18.11
N GLN B 225 15.63 5.48 -18.28
CA GLN B 225 16.78 5.84 -17.45
C GLN B 225 17.06 7.37 -17.70
N ALA B 226 16.91 7.81 -18.97
CA ALA B 226 16.99 9.24 -19.39
C ALA B 226 15.80 10.19 -19.06
N GLY B 227 14.86 9.77 -18.21
CA GLY B 227 13.74 10.62 -17.78
C GLY B 227 12.46 10.37 -18.57
N GLY B 228 11.46 11.20 -18.35
CA GLY B 228 10.18 11.02 -19.06
C GLY B 228 10.16 11.56 -20.48
N LYS B 229 9.55 10.80 -21.38
N LYS B 229 9.57 10.79 -21.39
CA LYS B 229 9.38 11.21 -22.76
CA LYS B 229 9.41 11.21 -22.77
C LYS B 229 8.06 10.74 -23.29
C LYS B 229 8.07 10.74 -23.28
N LEU B 230 7.47 11.55 -24.16
CA LEU B 230 6.24 11.21 -24.87
C LEU B 230 6.54 11.28 -26.34
N HIS B 231 6.16 10.24 -27.08
CA HIS B 231 6.44 10.17 -28.51
C HIS B 231 5.14 10.02 -29.26
N ILE B 232 5.00 10.71 -30.39
CA ILE B 232 3.84 10.60 -31.24
C ILE B 232 4.38 10.32 -32.64
N ILE B 233 4.01 9.18 -33.20
N ILE B 233 4.07 9.15 -33.18
CA ILE B 233 4.62 8.75 -34.45
CA ILE B 233 4.69 8.64 -34.40
C ILE B 233 3.62 8.02 -35.31
C ILE B 233 3.61 8.03 -35.30
N GLU B 234 3.69 8.27 -36.61
CA GLU B 234 2.78 7.59 -37.54
C GLU B 234 3.25 6.15 -37.71
N VAL B 235 2.32 5.22 -37.71
CA VAL B 235 2.64 3.81 -38.00
C VAL B 235 2.13 3.51 -39.38
N GLY B 236 2.92 2.79 -40.15
CA GLY B 236 2.45 2.34 -41.45
C GLY B 236 2.86 3.35 -42.50
N THR B 237 2.70 2.95 -43.76
CA THR B 237 2.94 3.84 -44.87
C THR B 237 1.78 4.81 -44.97
N PRO B 238 2.05 6.09 -45.17
CA PRO B 238 0.93 6.99 -45.33
C PRO B 238 -0.03 6.55 -46.42
N PRO B 239 -1.34 6.67 -46.20
CA PRO B 239 -2.25 6.44 -47.32
C PRO B 239 -1.80 7.17 -48.59
N THR B 240 -2.20 6.69 -49.76
CA THR B 240 -1.71 7.33 -51.00
C THR B 240 -2.26 8.76 -51.10
N GLY B 241 -1.41 9.69 -51.47
CA GLY B 241 -1.77 11.09 -51.52
C GLY B 241 -1.54 11.85 -50.22
N ASN B 242 -1.20 11.15 -49.13
CA ASN B 242 -0.98 11.84 -47.86
C ASN B 242 0.44 12.29 -47.71
N GLN B 243 0.67 13.40 -47.03
CA GLN B 243 1.98 13.70 -46.46
C GLN B 243 2.17 12.85 -45.17
N PRO B 244 3.41 12.46 -44.88
CA PRO B 244 3.62 11.74 -43.61
C PRO B 244 3.49 12.70 -42.43
N PHE B 245 3.04 12.17 -41.31
CA PHE B 245 2.98 12.91 -40.05
C PHE B 245 4.38 13.03 -39.50
N PRO B 246 4.87 14.25 -39.23
CA PRO B 246 6.20 14.37 -38.66
C PRO B 246 6.23 13.93 -37.19
N LYS B 247 7.11 12.99 -36.83
CA LYS B 247 7.13 12.46 -35.46
C LYS B 247 7.45 13.55 -34.46
N LYS B 248 6.84 13.46 -33.30
CA LYS B 248 7.06 14.43 -32.24
C LYS B 248 7.58 13.69 -31.06
N ALA B 249 8.37 14.41 -30.26
CA ALA B 249 8.90 13.88 -29.00
C ALA B 249 9.01 15.01 -28.04
N VAL B 250 8.45 14.85 -26.83
CA VAL B 250 8.49 15.89 -25.81
C VAL B 250 8.79 15.32 -24.46
N ASP B 251 9.24 16.17 -23.54
CA ASP B 251 9.49 15.70 -22.20
C ASP B 251 8.20 15.40 -21.45
N VAL B 252 8.28 14.43 -20.56
CA VAL B 252 7.23 14.20 -19.56
C VAL B 252 7.87 14.50 -18.22
N PHE B 253 7.32 15.54 -17.57
CA PHE B 253 7.84 16.06 -16.33
C PHE B 253 7.42 15.26 -15.11
N PHE B 254 8.39 15.00 -14.23
CA PHE B 254 8.10 14.49 -12.90
C PHE B 254 8.80 15.38 -11.85
N PRO B 255 8.05 15.83 -10.84
CA PRO B 255 8.69 16.69 -9.82
C PRO B 255 9.67 15.89 -8.95
N PRO B 256 10.53 16.61 -8.17
CA PRO B 256 11.54 15.93 -7.34
C PRO B 256 11.01 14.95 -6.31
N GLU B 257 9.84 15.20 -5.79
CA GLU B 257 9.21 14.31 -4.83
C GLU B 257 8.52 13.09 -5.48
N ALA B 258 8.56 13.00 -6.80
CA ALA B 258 7.89 11.92 -7.54
C ALA B 258 8.95 11.11 -8.26
N GLN B 259 10.05 10.86 -7.57
CA GLN B 259 11.19 10.21 -8.22
C GLN B 259 10.88 8.77 -8.66
N ASN B 260 9.88 8.14 -8.05
CA ASN B 260 9.51 6.77 -8.35
C ASN B 260 8.20 6.68 -9.13
N ASP B 261 7.70 7.81 -9.62
CA ASP B 261 6.45 7.82 -10.40
C ASP B 261 6.76 7.43 -11.85
N PHE B 262 5.72 7.03 -12.58
CA PHE B 262 5.85 6.68 -13.99
C PHE B 262 4.45 6.72 -14.61
N PRO B 263 4.35 6.73 -15.96
CA PRO B 263 3.02 6.78 -16.57
C PRO B 263 2.29 5.45 -16.42
N VAL B 264 0.99 5.51 -16.20
CA VAL B 264 0.16 4.27 -16.07
C VAL B 264 -1.01 4.23 -17.00
N ALA B 265 -1.50 5.37 -17.51
CA ALA B 265 -2.68 5.35 -18.35
C ALA B 265 -2.67 6.47 -19.37
N MET B 266 -3.23 6.18 -20.54
CA MET B 266 -3.37 7.16 -21.57
C MET B 266 -4.70 7.03 -22.25
N GLN B 267 -5.37 8.15 -22.50
CA GLN B 267 -6.55 8.17 -23.37
C GLN B 267 -6.42 9.38 -24.27
N ILE B 268 -6.76 9.18 -25.54
CA ILE B 268 -6.64 10.24 -26.53
C ILE B 268 -8.04 10.66 -26.93
N SER B 269 -8.35 11.94 -26.79
CA SER B 269 -9.58 12.50 -27.32
C SER B 269 -9.42 12.85 -28.81
N GLU B 270 -10.17 12.22 -29.67
CA GLU B 270 -10.15 12.64 -31.09
C GLU B 270 -11.19 13.76 -31.32
N LYS B 271 -12.00 14.10 -30.31
CA LYS B 271 -12.85 15.27 -30.39
C LYS B 271 -12.05 16.55 -30.26
N HIS B 272 -11.06 16.55 -29.40
CA HIS B 272 -10.19 17.72 -29.19
C HIS B 272 -8.72 17.57 -29.64
N ASP B 273 -8.34 16.37 -30.10
CA ASP B 273 -6.97 16.02 -30.47
C ASP B 273 -5.98 16.33 -29.34
N VAL B 274 -6.26 15.77 -28.17
CA VAL B 274 -5.44 15.92 -26.99
C VAL B 274 -5.21 14.57 -26.34
N VAL B 275 -4.09 14.45 -25.65
CA VAL B 275 -3.67 13.25 -24.98
C VAL B 275 -3.77 13.49 -23.50
N PHE B 276 -4.53 12.64 -22.81
CA PHE B 276 -4.57 12.61 -21.36
C PHE B 276 -3.63 11.52 -20.83
N LEU B 277 -2.74 11.88 -19.92
CA LEU B 277 -1.78 10.94 -19.36
C LEU B 277 -1.91 10.98 -17.85
N ILE B 278 -2.15 9.83 -17.22
CA ILE B 278 -2.19 9.70 -15.78
C ILE B 278 -0.99 8.89 -15.29
N THR B 279 -0.33 9.38 -14.24
CA THR B 279 0.81 8.70 -13.65
C THR B 279 0.39 7.81 -12.49
N LYS B 280 1.28 6.90 -12.11
CA LYS B 280 1.01 5.94 -11.03
C LYS B 280 0.59 6.61 -9.75
N TYR B 281 1.23 7.72 -9.41
CA TYR B 281 0.90 8.38 -8.16
C TYR B 281 -0.10 9.58 -8.32
N GLY B 282 -0.83 9.61 -9.44
CA GLY B 282 -2.04 10.37 -9.54
C GLY B 282 -1.91 11.74 -10.16
N TYR B 283 -0.85 11.99 -10.93
CA TYR B 283 -0.75 13.25 -11.70
C TYR B 283 -1.46 13.07 -13.03
N ILE B 284 -2.09 14.14 -13.50
CA ILE B 284 -2.75 14.21 -14.78
C ILE B 284 -1.97 15.19 -15.65
N HIS B 285 -1.68 14.80 -16.91
CA HIS B 285 -1.07 15.69 -17.88
C HIS B 285 -1.95 15.76 -19.11
N LEU B 286 -1.99 16.91 -19.78
CA LEU B 286 -2.66 17.09 -21.04
C LEU B 286 -1.67 17.57 -22.10
N TYR B 287 -1.61 16.87 -23.23
CA TYR B 287 -0.72 17.22 -24.34
C TYR B 287 -1.52 17.40 -25.61
N ASP B 288 -1.05 18.30 -26.48
CA ASP B 288 -1.63 18.41 -27.81
C ASP B 288 -1.17 17.19 -28.62
N LEU B 289 -2.10 16.51 -29.27
CA LEU B 289 -1.76 15.33 -30.08
C LEU B 289 -0.93 15.69 -31.30
N GLU B 290 -1.17 16.87 -31.87
CA GLU B 290 -0.54 17.26 -33.09
C GLU B 290 0.92 17.61 -32.93
N THR B 291 1.26 18.34 -31.84
CA THR B 291 2.62 18.81 -31.61
C THR B 291 3.29 18.20 -30.40
N GLY B 292 2.52 17.53 -29.51
CA GLY B 292 3.06 17.07 -28.26
C GLY B 292 3.16 18.15 -27.20
N THR B 293 2.75 19.38 -27.48
CA THR B 293 2.95 20.46 -26.51
C THR B 293 2.19 20.15 -25.21
N CYS B 294 2.86 20.33 -24.07
CA CYS B 294 2.23 20.08 -22.78
C CYS B 294 1.34 21.27 -22.45
N ILE B 295 0.04 21.03 -22.32
CA ILE B 295 -0.92 22.07 -22.07
C ILE B 295 -1.12 22.33 -20.59
N TYR B 296 -1.14 21.26 -19.81
CA TYR B 296 -1.53 21.36 -18.40
C TYR B 296 -1.04 20.14 -17.62
N MET B 297 -0.67 20.36 -16.36
CA MET B 297 -0.41 19.25 -15.42
C MET B 297 -0.96 19.63 -14.07
N ASN B 298 -1.48 18.64 -13.37
CA ASN B 298 -1.88 18.86 -11.97
C ASN B 298 -2.02 17.50 -11.30
N ARG B 299 -2.55 17.48 -10.09
CA ARG B 299 -2.69 16.23 -9.35
C ARG B 299 -4.15 15.98 -9.12
N ILE B 300 -4.62 14.78 -9.49
CA ILE B 300 -6.04 14.39 -9.37
C ILE B 300 -6.32 13.27 -8.36
N SER B 301 -5.29 12.63 -7.85
CA SER B 301 -5.48 11.59 -6.84
C SER B 301 -4.23 11.43 -6.01
N GLY B 302 -4.41 11.20 -4.69
CA GLY B 302 -3.25 10.82 -3.84
C GLY B 302 -2.85 9.35 -4.06
N GLU B 303 -3.89 8.59 -4.39
CA GLU B 303 -3.86 7.17 -4.45
C GLU B 303 -3.75 6.81 -5.91
N THR B 304 -3.12 5.68 -6.22
N THR B 304 -3.15 5.67 -6.20
CA THR B 304 -3.03 5.26 -7.62
CA THR B 304 -3.04 5.22 -7.57
C THR B 304 -4.40 5.00 -8.21
C THR B 304 -4.41 4.99 -8.21
N ILE B 305 -4.54 5.46 -9.45
CA ILE B 305 -5.69 5.26 -10.28
C ILE B 305 -5.32 4.06 -11.14
N PHE B 306 -5.91 2.90 -10.86
CA PHE B 306 -5.40 1.62 -11.37
C PHE B 306 -6.16 1.08 -12.59
N VAL B 307 -7.24 1.73 -12.97
CA VAL B 307 -8.00 1.34 -14.18
C VAL B 307 -8.62 2.61 -14.75
N THR B 308 -8.65 2.70 -16.07
CA THR B 308 -9.23 3.86 -16.76
C THR B 308 -9.94 3.42 -18.01
N ALA B 309 -10.78 4.31 -18.53
CA ALA B 309 -11.51 4.12 -19.78
C ALA B 309 -11.80 5.45 -20.38
N PRO B 310 -12.13 5.50 -21.66
CA PRO B 310 -12.69 6.73 -22.25
C PRO B 310 -13.95 7.18 -21.55
N HIS B 311 -14.10 8.49 -21.32
CA HIS B 311 -15.34 9.02 -20.84
C HIS B 311 -16.06 9.58 -22.05
N GLU B 312 -17.03 8.79 -22.56
CA GLU B 312 -17.54 8.97 -23.91
C GLU B 312 -18.21 10.33 -24.09
N ALA B 313 -19.00 10.75 -23.12
CA ALA B 313 -19.82 11.95 -23.29
C ALA B 313 -18.97 13.20 -23.52
N THR B 314 -17.81 13.26 -22.85
CA THR B 314 -16.92 14.41 -22.89
C THR B 314 -15.65 14.18 -23.66
N ALA B 315 -15.47 12.98 -24.18
CA ALA B 315 -14.22 12.50 -24.75
C ALA B 315 -13.06 12.73 -23.79
N GLY B 316 -13.29 12.52 -22.50
CA GLY B 316 -12.26 12.56 -21.51
C GLY B 316 -11.83 11.18 -21.05
N ILE B 317 -11.40 11.12 -19.83
CA ILE B 317 -10.86 9.90 -19.23
C ILE B 317 -11.54 9.70 -17.88
N ILE B 318 -11.99 8.48 -17.60
CA ILE B 318 -12.63 8.15 -16.33
C ILE B 318 -11.78 7.05 -15.69
N GLY B 319 -11.69 7.03 -14.38
CA GLY B 319 -10.84 6.08 -13.68
C GLY B 319 -11.26 5.80 -12.25
N VAL B 320 -10.70 4.76 -11.67
CA VAL B 320 -10.98 4.40 -10.30
C VAL B 320 -9.67 4.33 -9.55
N ASN B 321 -9.64 4.94 -8.36
CA ASN B 321 -8.50 4.84 -7.48
C ASN B 321 -8.69 3.83 -6.36
N ARG B 322 -7.62 3.60 -5.58
CA ARG B 322 -7.62 2.50 -4.61
C ARG B 322 -8.62 2.73 -3.48
N LYS B 323 -8.97 3.99 -3.23
CA LYS B 323 -10.01 4.34 -2.23
C LYS B 323 -11.44 4.04 -2.74
N GLY B 324 -11.60 3.88 -4.04
CA GLY B 324 -12.89 3.65 -4.63
C GLY B 324 -13.55 4.88 -5.17
N GLN B 325 -12.83 5.97 -5.31
CA GLN B 325 -13.36 7.12 -5.99
C GLN B 325 -13.37 6.86 -7.51
N VAL B 326 -14.49 7.12 -8.16
CA VAL B 326 -14.60 7.02 -9.60
C VAL B 326 -14.56 8.46 -10.04
N LEU B 327 -13.53 8.81 -10.78
CA LEU B 327 -13.32 10.19 -11.20
C LEU B 327 -13.03 10.33 -12.66
N SER B 328 -13.30 11.52 -13.18
CA SER B 328 -13.01 11.79 -14.58
C SER B 328 -12.41 13.17 -14.74
N VAL B 329 -11.71 13.30 -15.85
CA VAL B 329 -11.12 14.54 -16.32
C VAL B 329 -11.48 14.72 -17.79
N CYS B 330 -11.85 15.94 -18.17
CA CYS B 330 -12.12 16.24 -19.54
C CYS B 330 -11.69 17.68 -19.87
N VAL B 331 -11.62 17.96 -21.16
CA VAL B 331 -11.32 19.33 -21.61
C VAL B 331 -12.48 20.24 -21.19
N GLU B 332 -12.14 21.41 -20.64
CA GLU B 332 -13.10 22.48 -20.38
C GLU B 332 -13.21 23.30 -21.68
N GLU B 333 -14.26 23.06 -22.47
CA GLU B 333 -14.36 23.57 -23.82
C GLU B 333 -14.41 25.11 -23.89
N GLU B 334 -14.90 25.76 -22.84
CA GLU B 334 -14.93 27.24 -22.79
C GLU B 334 -13.66 27.90 -22.30
N ASN B 335 -12.79 27.15 -21.63
CA ASN B 335 -11.59 27.67 -21.05
C ASN B 335 -10.29 27.35 -21.76
N ILE B 336 -10.24 26.22 -22.47
CA ILE B 336 -8.95 25.74 -22.96
C ILE B 336 -8.23 26.75 -23.90
N ILE B 337 -8.97 27.38 -24.80
CA ILE B 337 -8.37 28.32 -25.74
C ILE B 337 -7.80 29.58 -25.04
N PRO B 338 -8.60 30.27 -24.23
CA PRO B 338 -8.00 31.41 -23.51
C PRO B 338 -6.88 31.02 -22.52
N TYR B 339 -6.96 29.82 -21.93
CA TYR B 339 -5.86 29.33 -21.13
C TYR B 339 -4.57 29.27 -21.92
N ILE B 340 -4.65 28.66 -23.10
CA ILE B 340 -3.47 28.50 -23.91
C ILE B 340 -2.96 29.87 -24.38
N THR B 341 -3.86 30.75 -24.80
CA THR B 341 -3.46 32.12 -25.18
C THR B 341 -2.81 32.90 -24.05
N ASN B 342 -3.44 32.89 -22.89
CA ASN B 342 -3.07 33.84 -21.84
C ASN B 342 -2.18 33.26 -20.77
N VAL B 343 -2.39 32.00 -20.38
CA VAL B 343 -1.54 31.40 -19.33
C VAL B 343 -0.26 30.79 -19.92
N LEU B 344 -0.39 30.03 -21.00
CA LEU B 344 0.77 29.52 -21.74
C LEU B 344 1.38 30.51 -22.65
N GLN B 345 0.70 31.62 -22.92
CA GLN B 345 1.21 32.61 -23.83
C GLN B 345 1.59 31.94 -25.16
N ASN B 346 0.70 31.08 -25.67
CA ASN B 346 0.93 30.40 -26.93
C ASN B 346 -0.27 30.65 -27.86
N PRO B 347 -0.43 31.87 -28.40
CA PRO B 347 -1.55 32.17 -29.31
C PRO B 347 -1.53 31.36 -30.59
N ASP B 348 -0.36 30.91 -31.02
CA ASP B 348 -0.29 30.04 -32.16
C ASP B 348 -0.99 28.70 -31.96
N LEU B 349 -0.70 28.04 -30.88
CA LEU B 349 -1.39 26.79 -30.54
C LEU B 349 -2.86 27.05 -30.28
N ALA B 350 -3.15 28.12 -29.56
CA ALA B 350 -4.56 28.42 -29.27
C ALA B 350 -5.38 28.59 -30.52
N LEU B 351 -4.88 29.39 -31.48
CA LEU B 351 -5.63 29.61 -32.72
C LEU B 351 -5.78 28.32 -33.52
N ARG B 352 -4.71 27.53 -33.60
CA ARG B 352 -4.76 26.25 -34.28
C ARG B 352 -5.82 25.35 -33.67
N MET B 353 -5.79 25.19 -32.35
CA MET B 353 -6.75 24.32 -31.66
C MET B 353 -8.19 24.81 -31.79
N ALA B 354 -8.37 26.14 -31.77
CA ALA B 354 -9.71 26.72 -31.86
C ALA B 354 -10.38 26.34 -33.19
N VAL B 355 -9.66 26.48 -34.28
CA VAL B 355 -10.20 26.17 -35.61
C VAL B 355 -10.17 24.65 -35.89
N ARG B 356 -9.14 23.95 -35.41
CA ARG B 356 -9.04 22.49 -35.59
C ARG B 356 -10.24 21.75 -34.98
N ASN B 357 -10.64 22.16 -33.79
CA ASN B 357 -11.64 21.43 -33.03
C ASN B 357 -12.88 22.25 -32.74
N ASN B 358 -13.09 23.33 -33.48
CA ASN B 358 -14.34 24.11 -33.33
C ASN B 358 -14.59 24.55 -31.90
N LEU B 359 -13.58 25.16 -31.29
CA LEU B 359 -13.64 25.66 -29.94
C LEU B 359 -13.68 27.20 -29.92
N ALA B 360 -14.39 27.74 -28.93
CA ALA B 360 -14.56 29.20 -28.78
C ALA B 360 -13.34 29.81 -28.11
N GLY B 361 -13.11 31.08 -28.38
CA GLY B 361 -12.13 31.84 -27.63
C GLY B 361 -10.93 32.37 -28.38
N ALA B 362 -10.75 32.03 -29.66
CA ALA B 362 -9.64 32.57 -30.41
C ALA B 362 -10.02 33.79 -31.30
N GLU B 363 -11.22 34.33 -31.03
CA GLU B 363 -11.72 35.61 -31.58
C GLU B 363 -10.90 36.79 -31.01
N GLU B 364 -10.40 36.66 -29.77
CA GLU B 364 -9.37 37.57 -29.21
C GLU B 364 -8.13 36.78 -28.78
N LEU B 365 -6.95 37.20 -29.24
CA LEU B 365 -5.65 36.51 -29.02
C LEU B 365 -4.55 37.43 -28.45
N GLU C 1 19.05 6.23 50.99
CA GLU C 1 18.42 5.11 50.24
C GLU C 1 19.21 4.94 48.95
N THR C 2 19.67 3.72 48.69
CA THR C 2 20.37 3.39 47.44
C THR C 2 19.80 2.09 46.92
N LEU C 3 19.20 2.14 45.73
CA LEU C 3 18.45 1.01 45.24
C LEU C 3 19.26 -0.10 44.55
N LEU C 4 20.50 0.21 44.21
CA LEU C 4 21.40 -0.70 43.53
C LEU C 4 22.75 -0.62 44.24
N ASP C 5 23.31 -1.77 44.59
CA ASP C 5 24.65 -1.83 45.22
C ASP C 5 25.67 -2.17 44.16
N LEU C 6 26.47 -1.19 43.78
CA LEU C 6 27.50 -1.37 42.74
C LEU C 6 28.91 -1.49 43.33
N ASP C 7 28.99 -1.60 44.66
CA ASP C 7 30.24 -1.88 45.37
C ASP C 7 30.33 -3.34 45.81
N GLU D 1 -20.22 -27.03 -16.63
CA GLU D 1 -19.50 -25.94 -15.89
C GLU D 1 -20.14 -24.61 -16.30
N THR D 2 -20.55 -23.83 -15.31
CA THR D 2 -21.20 -22.54 -15.54
C THR D 2 -20.59 -21.53 -14.58
N LEU D 3 -19.90 -20.54 -15.13
CA LEU D 3 -19.11 -19.61 -14.33
C LEU D 3 -19.91 -18.50 -13.66
N LEU D 4 -21.14 -18.29 -14.08
CA LEU D 4 -22.01 -17.25 -13.53
C LEU D 4 -23.36 -17.88 -13.31
N ASP D 5 -23.96 -17.59 -12.15
CA ASP D 5 -25.28 -18.13 -11.78
C ASP D 5 -26.30 -17.02 -11.98
N LEU D 6 -27.08 -17.11 -13.05
CA LEU D 6 -28.10 -16.08 -13.37
C LEU D 6 -29.54 -16.47 -12.96
N ASP D 7 -29.67 -17.55 -12.18
CA ASP D 7 -30.97 -18.01 -11.65
C ASP D 7 -31.11 -17.62 -10.19
N LEU E 3 23.14 -17.66 16.84
CA LEU E 3 21.71 -17.65 16.40
C LEU E 3 21.28 -18.98 15.74
N LEU E 4 20.33 -19.66 16.37
CA LEU E 4 19.78 -20.94 15.92
C LEU E 4 18.53 -20.69 15.08
N ASP E 5 18.53 -21.15 13.82
CA ASP E 5 17.31 -21.16 12.99
C ASP E 5 16.24 -22.08 13.62
N LEU E 6 15.01 -21.56 13.71
CA LEU E 6 13.89 -22.30 14.26
C LEU E 6 12.87 -22.61 13.16
N ASP E 7 12.22 -23.77 13.27
CA ASP E 7 11.09 -24.09 12.42
C ASP E 7 9.85 -23.47 13.05
N PHE E 8 8.91 -23.02 12.22
CA PHE E 8 7.62 -22.59 12.74
C PHE E 8 6.85 -23.76 13.35
N LEU E 9 5.90 -23.44 14.23
CA LEU E 9 5.14 -24.46 14.97
C LEU E 9 3.87 -24.89 14.23
N GLU E 10 3.58 -24.26 13.09
CA GLU E 10 2.48 -24.67 12.19
C GLU E 10 2.91 -24.46 10.72
N LEU F 3 -22.91 14.17 -10.71
CA LEU F 3 -21.45 14.52 -10.76
C LEU F 3 -21.08 15.67 -9.81
N LEU F 4 -20.06 15.44 -8.99
CA LEU F 4 -19.54 16.42 -8.05
C LEU F 4 -18.22 16.99 -8.59
N ASP F 5 -18.19 18.29 -8.87
CA ASP F 5 -16.92 18.95 -9.26
C ASP F 5 -15.92 18.92 -8.10
N LEU F 6 -14.68 18.56 -8.42
CA LEU F 6 -13.61 18.41 -7.44
C LEU F 6 -12.55 19.50 -7.66
N ASP F 7 -11.94 19.97 -6.57
CA ASP F 7 -10.76 20.81 -6.66
C ASP F 7 -9.58 19.91 -6.96
N PHE F 8 -8.65 20.39 -7.78
CA PHE F 8 -7.38 19.69 -7.97
C PHE F 8 -6.60 19.66 -6.66
N LEU F 9 -5.76 18.64 -6.51
CA LEU F 9 -5.03 18.41 -5.27
C LEU F 9 -3.74 19.22 -5.16
N GLU F 10 -3.35 19.90 -6.25
CA GLU F 10 -2.20 20.83 -6.28
C GLU F 10 -2.50 22.04 -7.16
N GLU G 1 -12.24 18.30 20.01
CA GLU G 1 -13.32 17.27 20.02
C GLU G 1 -12.73 15.84 19.94
N THR G 2 -12.52 15.32 18.72
CA THR G 2 -11.93 14.00 18.50
C THR G 2 -10.62 14.16 17.75
N LEU G 3 -9.72 13.20 17.94
CA LEU G 3 -8.45 13.19 17.23
C LEU G 3 -8.53 12.42 15.91
N LEU G 4 -9.27 11.31 15.92
CA LEU G 4 -9.32 10.39 14.78
C LEU G 4 -10.76 9.97 14.52
N ASP G 5 -11.05 9.73 13.24
CA ASP G 5 -12.33 9.18 12.80
C ASP G 5 -12.00 7.89 12.05
N LEU G 6 -12.45 6.74 12.58
CA LEU G 6 -12.33 5.42 11.93
C LEU G 6 -13.69 4.75 11.79
N GLU H 1 12.34 -5.67 -41.07
CA GLU H 1 13.26 -5.52 -39.90
C GLU H 1 12.55 -4.80 -38.75
N THR H 2 12.48 -3.46 -38.80
CA THR H 2 11.81 -2.64 -37.76
C THR H 2 10.55 -1.95 -38.30
N LEU H 3 9.60 -1.76 -37.41
CA LEU H 3 8.33 -1.09 -37.73
C LEU H 3 8.46 0.40 -37.63
N LEU H 4 9.28 0.88 -36.70
CA LEU H 4 9.49 2.29 -36.42
C LEU H 4 10.97 2.60 -36.22
N ASP H 5 11.35 3.83 -36.54
CA ASP H 5 12.67 4.38 -36.22
C ASP H 5 12.43 5.76 -35.59
N LEU H 6 12.50 5.84 -34.26
CA LEU H 6 12.26 7.08 -33.49
C LEU H 6 13.50 7.60 -32.74
N ASP H 7 14.67 7.50 -33.37
CA ASP H 7 15.95 7.92 -32.75
C ASP H 7 16.07 9.44 -32.66
#